data_5TBP
#
_entry.id   5TBP
#
_cell.length_a   46.640
_cell.length_b   99.380
_cell.length_c   109.860
_cell.angle_alpha   90.00
_cell.angle_beta   99.15
_cell.angle_gamma   90.00
#
_symmetry.space_group_name_H-M   'P 1 21 1'
#
loop_
_entity.id
_entity.type
_entity.pdbx_description
1 polymer 'Retinoic acid receptor RXR-alpha'
2 non-polymer '[(1Z)-5-fluoro-2-methyl-1-{[4-(propan-2-yl)phenyl]methylidene}-1H-inden-3-yl]acetic acid'
3 non-polymer 'ACETATE ION'
4 non-polymer 'DIMETHYL SULFOXIDE'
5 non-polymer GLYCEROL
6 water water
#
_entity_poly.entity_id   1
_entity_poly.type   'polypeptide(L)'
_entity_poly.pdbx_seq_one_letter_code
;GSHMTSSANEDMPVERILEAELAVEPKTETYVEANMGLNPSSPNDPVTNICQAADKQLFTLVEWAKRIPHFSELPLDDQV
ILLRAGWNELLIASFSHRSIAVKDGILLATGLHVHRNSAHSAGVGAIFDRVLTELVSKMRDMQMDKTELGCLRAIVLFNP
DSKGLSNPAEVEALREKVYASLEAYCKHKYPEQPGRFAKLLLRLPALRSIGLKCLEHLFFFKLIGDTPIDTFLMEMLEAP
HQMT
;
_entity_poly.pdbx_strand_id   A,B,C,D
#
loop_
_chem_comp.id
_chem_comp.type
_chem_comp.name
_chem_comp.formula
7A4 non-polymer '[(1Z)-5-fluoro-2-methyl-1-{[4-(propan-2-yl)phenyl]methylidene}-1H-inden-3-yl]acetic acid' 'C22 H21 F O2'
ACT non-polymer 'ACETATE ION' 'C2 H3 O2 -1'
DMS non-polymer 'DIMETHYL SULFOXIDE' 'C2 H6 O S'
GOL non-polymer GLYCEROL 'C3 H8 O3'
#
# COMPACT_ATOMS: atom_id res chain seq x y z
N ASP A 45 -9.63 31.79 1.52
CA ASP A 45 -9.08 30.83 0.57
C ASP A 45 -7.80 30.21 1.11
N PRO A 46 -7.92 29.31 2.09
CA PRO A 46 -6.71 28.70 2.67
C PRO A 46 -5.89 27.92 1.66
N VAL A 47 -6.52 27.30 0.67
CA VAL A 47 -5.81 26.44 -0.27
C VAL A 47 -4.66 27.22 -0.94
N THR A 48 -4.96 28.41 -1.43
CA THR A 48 -3.92 29.20 -2.10
C THR A 48 -2.78 29.53 -1.15
N ASN A 49 -3.09 29.79 0.12
CA ASN A 49 -2.06 30.10 1.09
C ASN A 49 -1.16 28.90 1.35
N ILE A 50 -1.73 27.70 1.34
CA ILE A 50 -0.96 26.51 1.68
C ILE A 50 -0.05 26.11 0.53
N CYS A 51 -0.51 26.29 -0.71
CA CYS A 51 0.34 26.01 -1.86
C CYS A 51 1.51 26.99 -1.92
N GLN A 52 1.26 28.27 -1.63
CA GLN A 52 2.35 29.24 -1.55
C GLN A 52 3.30 28.90 -0.41
N ALA A 53 2.76 28.50 0.74
CA ALA A 53 3.60 28.10 1.86
C ALA A 53 4.49 26.93 1.50
N ALA A 54 3.94 25.94 0.79
CA ALA A 54 4.73 24.78 0.39
C ALA A 54 5.89 25.20 -0.52
N ASP A 55 5.65 26.13 -1.44
CA ASP A 55 6.71 26.57 -2.35
C ASP A 55 7.84 27.23 -1.59
N LYS A 56 7.51 28.02 -0.56
CA LYS A 56 8.55 28.55 0.32
C LYS A 56 9.27 27.40 1.04
N GLN A 57 8.51 26.46 1.59
CA GLN A 57 9.09 25.31 2.25
C GLN A 57 9.99 24.52 1.30
N LEU A 58 9.55 24.34 0.06
CA LEU A 58 10.36 23.64 -0.93
C LEU A 58 11.61 24.44 -1.27
N PHE A 59 11.48 25.77 -1.40
CA PHE A 59 12.64 26.61 -1.64
C PHE A 59 13.66 26.47 -0.52
N THR A 60 13.20 26.53 0.73
CA THR A 60 14.11 26.41 1.87
C THR A 60 14.84 25.08 1.85
N LEU A 61 14.14 24.00 1.50
CA LEU A 61 14.76 22.68 1.51
C LEU A 61 15.94 22.61 0.55
N VAL A 62 15.73 23.05 -0.69
CA VAL A 62 16.80 22.99 -1.69
C VAL A 62 17.96 23.88 -1.25
N GLU A 63 17.67 25.08 -0.76
CA GLU A 63 18.74 25.94 -0.27
C GLU A 63 19.49 25.28 0.87
N TRP A 64 18.77 24.64 1.79
CA TRP A 64 19.43 23.92 2.88
C TRP A 64 20.36 22.85 2.33
N ALA A 65 19.93 22.11 1.31
CA ALA A 65 20.76 21.06 0.74
C ALA A 65 21.99 21.63 0.05
N LYS A 66 21.88 22.80 -0.57
CA LYS A 66 23.04 23.39 -1.23
C LYS A 66 24.13 23.78 -0.25
N ARG A 67 23.75 24.14 0.98
N ARG A 67 23.77 24.14 0.98
CA ARG A 67 24.73 24.49 2.01
CA ARG A 67 24.76 24.48 1.98
C ARG A 67 25.38 23.26 2.63
C ARG A 67 25.39 23.26 2.64
N ILE A 68 24.88 22.06 2.37
CA ILE A 68 25.52 20.85 2.87
C ILE A 68 26.83 20.65 2.14
N PRO A 69 27.96 20.47 2.84
CA PRO A 69 29.24 20.32 2.14
C PRO A 69 29.20 19.21 1.09
N HIS A 70 29.59 19.56 -0.13
CA HIS A 70 29.81 18.64 -1.25
C HIS A 70 28.51 18.21 -1.94
N PHE A 71 27.34 18.60 -1.44
CA PHE A 71 26.10 18.16 -2.07
C PHE A 71 26.04 18.62 -3.52
N SER A 72 26.31 19.89 -3.78
CA SER A 72 26.26 20.41 -5.13
C SER A 72 27.33 19.82 -6.04
N GLU A 73 28.41 19.29 -5.46
CA GLU A 73 29.45 18.67 -6.26
C GLU A 73 28.99 17.36 -6.90
N LEU A 74 27.89 16.78 -6.41
CA LEU A 74 27.36 15.58 -7.01
C LEU A 74 26.76 15.87 -8.37
N PRO A 75 26.60 14.86 -9.21
CA PRO A 75 25.87 15.05 -10.47
C PRO A 75 24.49 15.63 -10.21
N LEU A 76 24.11 16.65 -10.98
CA LEU A 76 22.82 17.30 -10.77
C LEU A 76 21.68 16.29 -10.81
N ASP A 77 21.79 15.27 -11.66
CA ASP A 77 20.77 14.22 -11.68
C ASP A 77 20.72 13.49 -10.35
N ASP A 78 21.88 13.33 -9.69
CA ASP A 78 21.89 12.65 -8.40
C ASP A 78 21.33 13.55 -7.30
N GLN A 79 21.57 14.85 -7.38
CA GLN A 79 21.00 15.77 -6.40
C GLN A 79 19.48 15.73 -6.42
N VAL A 80 18.88 15.68 -7.61
CA VAL A 80 17.43 15.64 -7.71
C VAL A 80 16.90 14.33 -7.15
N ILE A 81 17.56 13.21 -7.45
CA ILE A 81 17.14 11.92 -6.93
C ILE A 81 17.09 11.95 -5.41
N LEU A 82 18.14 12.50 -4.79
CA LEU A 82 18.21 12.52 -3.34
C LEU A 82 17.10 13.38 -2.72
N LEU A 83 16.77 14.50 -3.36
CA LEU A 83 15.69 15.33 -2.86
C LEU A 83 14.34 14.68 -3.12
N ARG A 84 14.20 13.99 -4.24
CA ARG A 84 12.93 13.31 -4.54
C ARG A 84 12.67 12.18 -3.55
N ALA A 85 13.71 11.44 -3.17
CA ALA A 85 13.54 10.29 -2.30
C ALA A 85 13.53 10.67 -0.82
N GLY A 86 14.01 11.86 -0.47
CA GLY A 86 14.21 12.20 0.93
C GLY A 86 13.31 13.29 1.47
N TRP A 87 12.70 14.09 0.59
CA TRP A 87 11.93 15.24 1.07
C TRP A 87 10.88 14.84 2.09
N ASN A 88 10.30 13.64 1.95
CA ASN A 88 9.27 13.20 2.87
C ASN A 88 9.81 13.06 4.28
N GLU A 89 10.88 12.27 4.45
CA GLU A 89 11.43 12.06 5.78
C GLU A 89 12.10 13.31 6.31
N LEU A 90 12.63 14.17 5.44
CA LEU A 90 13.27 15.39 5.89
C LEU A 90 12.28 16.35 6.54
N LEU A 91 11.06 16.41 5.99
CA LEU A 91 10.03 17.27 6.58
C LEU A 91 9.54 16.71 7.90
N ILE A 92 9.26 15.40 7.95
CA ILE A 92 8.79 14.79 9.19
C ILE A 92 9.78 15.02 10.32
N ALA A 93 11.07 14.86 10.03
CA ALA A 93 12.08 15.11 11.05
C ALA A 93 12.04 16.56 11.51
N SER A 94 11.76 17.49 10.58
CA SER A 94 11.80 18.90 10.93
C SER A 94 10.66 19.27 11.88
N PHE A 95 9.41 18.99 11.50
CA PHE A 95 8.30 19.40 12.36
C PHE A 95 8.15 18.52 13.58
N SER A 96 8.75 17.34 13.59
CA SER A 96 8.82 16.55 14.82
C SER A 96 9.72 17.23 15.84
N HIS A 97 10.90 17.67 15.42
CA HIS A 97 11.80 18.37 16.32
C HIS A 97 11.26 19.74 16.68
N ARG A 98 10.61 20.42 15.72
CA ARG A 98 9.98 21.70 16.01
C ARG A 98 8.85 21.56 17.03
N SER A 99 8.30 20.37 17.19
CA SER A 99 7.15 20.14 18.07
C SER A 99 7.57 19.62 19.44
N ILE A 100 8.85 19.71 19.78
CA ILE A 100 9.29 19.34 21.12
C ILE A 100 8.58 20.19 22.17
N ALA A 101 8.44 21.49 21.89
CA ALA A 101 7.82 22.39 22.85
C ALA A 101 6.31 22.13 22.97
N VAL A 102 5.69 21.62 21.91
CA VAL A 102 4.27 21.36 21.91
C VAL A 102 3.97 20.08 22.69
N LYS A 103 2.75 19.99 23.22
CA LYS A 103 2.27 18.80 23.90
C LYS A 103 1.11 18.21 23.11
N ASP A 104 1.20 16.91 22.81
CA ASP A 104 0.13 16.18 22.13
C ASP A 104 -0.27 16.86 20.81
N GLY A 105 0.72 17.41 20.12
CA GLY A 105 0.45 18.05 18.84
C GLY A 105 1.74 18.28 18.09
N ILE A 106 1.59 18.67 16.83
CA ILE A 106 2.72 18.97 15.96
C ILE A 106 2.59 20.39 15.44
N LEU A 107 3.72 21.08 15.36
CA LEU A 107 3.77 22.48 14.96
C LEU A 107 4.31 22.56 13.54
N LEU A 108 3.42 22.83 12.59
CA LEU A 108 3.84 22.92 11.20
C LEU A 108 4.57 24.24 10.95
N ALA A 109 5.21 24.33 9.78
CA ALA A 109 6.07 25.47 9.49
C ALA A 109 5.27 26.78 9.42
N THR A 110 3.98 26.70 9.11
CA THR A 110 3.13 27.88 9.02
C THR A 110 2.60 28.34 10.37
N GLY A 111 3.25 27.97 11.47
CA GLY A 111 2.74 28.26 12.79
C GLY A 111 1.46 27.55 13.15
N LEU A 112 0.97 26.67 12.27
CA LEU A 112 -0.30 25.98 12.52
C LEU A 112 -0.10 24.87 13.54
N HIS A 113 -0.92 24.89 14.59
N HIS A 113 -0.86 24.94 14.63
CA HIS A 113 -0.89 23.87 15.62
CA HIS A 113 -0.91 23.86 15.60
C HIS A 113 -1.96 22.83 15.31
C HIS A 113 -1.92 22.82 15.14
N VAL A 114 -1.59 21.55 15.37
CA VAL A 114 -2.49 20.44 15.07
C VAL A 114 -2.44 19.48 16.24
N HIS A 115 -3.55 19.37 16.97
CA HIS A 115 -3.65 18.52 18.14
C HIS A 115 -4.10 17.12 17.74
N ARG A 116 -3.72 16.13 18.54
CA ARG A 116 -4.06 14.74 18.23
C ARG A 116 -5.55 14.52 18.13
N ASN A 117 -6.38 15.42 18.68
CA ASN A 117 -7.81 15.31 18.51
C ASN A 117 -8.23 15.68 17.08
N SER A 118 -7.66 16.76 16.55
CA SER A 118 -7.91 17.10 15.15
C SER A 118 -7.44 15.99 14.22
N ALA A 119 -6.42 15.24 14.62
CA ALA A 119 -5.91 14.14 13.79
C ALA A 119 -6.84 12.94 13.84
N HIS A 120 -7.21 12.49 15.04
CA HIS A 120 -8.15 11.38 15.15
C HIS A 120 -9.47 11.73 14.46
N SER A 121 -9.89 12.99 14.55
CA SER A 121 -11.10 13.42 13.85
C SER A 121 -10.94 13.27 12.35
N ALA A 122 -9.73 13.46 11.83
CA ALA A 122 -9.47 13.29 10.40
C ALA A 122 -9.18 11.85 10.01
N GLY A 123 -9.30 10.91 10.95
CA GLY A 123 -9.09 9.51 10.63
C GLY A 123 -7.66 9.10 10.41
N VAL A 124 -6.71 9.83 11.00
CA VAL A 124 -5.29 9.50 10.86
C VAL A 124 -4.63 9.59 12.22
N GLY A 125 -5.37 9.24 13.27
CA GLY A 125 -4.84 9.31 14.62
C GLY A 125 -3.78 8.27 14.92
N ALA A 126 -3.77 7.16 14.18
CA ALA A 126 -2.77 6.13 14.41
C ALA A 126 -1.39 6.63 14.01
N ILE A 127 -1.26 7.17 12.80
CA ILE A 127 0.03 7.72 12.36
C ILE A 127 0.44 8.89 13.23
N PHE A 128 -0.53 9.72 13.62
CA PHE A 128 -0.23 10.89 14.43
C PHE A 128 0.40 10.48 15.77
N ASP A 129 -0.11 9.41 16.38
CA ASP A 129 0.43 8.96 17.66
C ASP A 129 1.83 8.37 17.50
N ARG A 130 2.13 7.82 16.32
CA ARG A 130 3.48 7.31 16.09
C ARG A 130 4.48 8.44 15.99
N VAL A 131 4.10 9.56 15.38
CA VAL A 131 4.98 10.72 15.32
C VAL A 131 5.31 11.20 16.73
N LEU A 132 4.30 11.28 17.59
CA LEU A 132 4.50 11.82 18.93
C LEU A 132 5.36 10.88 19.78
N THR A 133 5.09 9.58 19.73
CA THR A 133 5.76 8.66 20.65
C THR A 133 7.12 8.23 20.12
N GLU A 134 7.24 8.00 18.81
CA GLU A 134 8.48 7.49 18.24
C GLU A 134 9.45 8.58 17.82
N LEU A 135 8.97 9.80 17.57
CA LEU A 135 9.83 10.89 17.16
C LEU A 135 9.79 12.06 18.13
N VAL A 136 8.64 12.72 18.31
CA VAL A 136 8.60 13.96 19.09
C VAL A 136 9.02 13.69 20.53
N SER A 137 8.36 12.73 21.20
CA SER A 137 8.65 12.49 22.60
C SER A 137 10.06 11.96 22.80
N LYS A 138 10.55 11.14 21.86
CA LYS A 138 11.92 10.65 21.97
C LYS A 138 12.93 11.77 21.75
N MET A 139 12.66 12.66 20.80
CA MET A 139 13.52 13.83 20.60
C MET A 139 13.54 14.69 21.85
N ARG A 140 12.39 14.82 22.53
CA ARG A 140 12.32 15.62 23.75
C ARG A 140 13.05 14.94 24.90
N ASP A 141 12.85 13.63 25.06
CA ASP A 141 13.42 12.93 26.21
C ASP A 141 14.94 13.04 26.23
N MET A 142 15.58 12.99 25.07
CA MET A 142 17.03 13.10 24.98
C MET A 142 17.51 14.51 24.68
N GLN A 143 16.59 15.44 24.42
CA GLN A 143 16.94 16.84 24.16
C GLN A 143 17.84 16.95 22.91
N MET A 144 17.43 16.28 21.84
CA MET A 144 18.10 16.41 20.56
C MET A 144 18.19 17.87 20.17
N ASP A 145 19.42 18.38 20.01
CA ASP A 145 19.61 19.77 19.65
C ASP A 145 19.56 19.93 18.13
N LYS A 146 19.66 21.18 17.68
CA LYS A 146 19.48 21.48 16.26
C LYS A 146 20.64 21.01 15.41
N THR A 147 21.84 20.87 16.00
CA THR A 147 22.96 20.33 15.25
C THR A 147 22.76 18.84 14.97
N GLU A 148 22.30 18.09 15.97
CA GLU A 148 22.06 16.67 15.78
C GLU A 148 20.91 16.42 14.82
N LEU A 149 19.89 17.27 14.81
CA LEU A 149 18.83 17.13 13.82
C LEU A 149 19.37 17.34 12.42
N GLY A 150 20.15 18.41 12.23
CA GLY A 150 20.70 18.69 10.91
C GLY A 150 21.55 17.54 10.39
N CYS A 151 22.36 16.95 11.26
CA CYS A 151 23.17 15.80 10.84
C CYS A 151 22.28 14.64 10.40
N LEU A 152 21.29 14.29 11.22
CA LEU A 152 20.40 13.19 10.87
C LEU A 152 19.69 13.44 9.54
N ARG A 153 19.33 14.70 9.27
CA ARG A 153 18.67 15.02 8.01
C ARG A 153 19.64 14.92 6.84
N ALA A 154 20.89 15.33 7.05
CA ALA A 154 21.89 15.17 6.00
C ALA A 154 22.14 13.70 5.70
N ILE A 155 22.15 12.86 6.74
CA ILE A 155 22.28 11.42 6.53
C ILE A 155 21.10 10.90 5.71
N VAL A 156 19.88 11.33 6.08
CA VAL A 156 18.70 10.95 5.32
C VAL A 156 18.82 11.43 3.88
N LEU A 157 19.35 12.64 3.68
CA LEU A 157 19.52 13.16 2.33
C LEU A 157 20.51 12.33 1.53
N PHE A 158 21.67 12.03 2.13
CA PHE A 158 22.68 11.21 1.48
C PHE A 158 22.30 9.73 1.57
N ASN A 159 21.18 9.40 0.95
CA ASN A 159 20.67 8.03 0.93
C ASN A 159 21.27 7.26 -0.24
N PRO A 160 22.27 6.42 -0.02
CA PRO A 160 22.89 5.69 -1.15
C PRO A 160 22.00 4.61 -1.74
N ASP A 161 20.95 4.20 -1.05
CA ASP A 161 20.04 3.18 -1.58
C ASP A 161 19.03 3.75 -2.57
N SER A 162 19.01 5.06 -2.78
CA SER A 162 18.05 5.66 -3.70
C SER A 162 18.25 5.08 -5.10
N LYS A 163 17.14 4.71 -5.73
CA LYS A 163 17.20 4.06 -7.03
C LYS A 163 17.57 5.05 -8.12
N GLY A 164 18.49 4.63 -8.99
CA GLY A 164 18.87 5.42 -10.15
C GLY A 164 20.11 6.27 -9.98
N LEU A 165 20.76 6.24 -8.82
CA LEU A 165 21.94 7.06 -8.60
C LEU A 165 23.05 6.66 -9.55
N SER A 166 23.75 7.66 -10.10
CA SER A 166 24.87 7.39 -10.98
C SER A 166 26.13 7.03 -10.21
N ASN A 167 26.28 7.54 -8.98
CA ASN A 167 27.45 7.27 -8.15
C ASN A 167 27.00 7.04 -6.71
N PRO A 168 26.41 5.87 -6.43
CA PRO A 168 26.00 5.58 -5.04
C PRO A 168 27.16 5.64 -4.07
N ALA A 169 28.35 5.18 -4.47
CA ALA A 169 29.47 5.12 -3.54
C ALA A 169 29.92 6.51 -3.09
N GLU A 170 29.80 7.51 -3.97
CA GLU A 170 30.10 8.88 -3.57
C GLU A 170 29.07 9.38 -2.56
N VAL A 171 27.80 9.05 -2.76
CA VAL A 171 26.76 9.39 -1.79
C VAL A 171 27.05 8.69 -0.46
N GLU A 172 27.37 7.40 -0.52
CA GLU A 172 27.75 6.68 0.68
C GLU A 172 28.92 7.34 1.38
N ALA A 173 29.86 7.88 0.60
CA ALA A 173 31.04 8.53 1.21
C ALA A 173 30.65 9.80 1.95
N LEU A 174 29.80 10.63 1.34
CA LEU A 174 29.32 11.83 2.01
C LEU A 174 28.53 11.46 3.26
N ARG A 175 27.77 10.37 3.20
CA ARG A 175 27.07 9.87 4.37
C ARG A 175 28.04 9.59 5.52
N GLU A 176 29.14 8.89 5.20
CA GLU A 176 30.11 8.54 6.23
C GLU A 176 30.71 9.79 6.86
N LYS A 177 31.04 10.79 6.05
CA LYS A 177 31.64 12.00 6.60
C LYS A 177 30.68 12.72 7.54
N VAL A 178 29.39 12.69 7.22
CA VAL A 178 28.40 13.37 8.08
C VAL A 178 28.37 12.72 9.46
N TYR A 179 28.13 11.40 9.51
CA TYR A 179 27.95 10.78 10.83
C TYR A 179 29.26 10.63 11.59
N ALA A 180 30.40 10.58 10.88
CA ALA A 180 31.68 10.70 11.59
C ALA A 180 31.79 12.07 12.26
N SER A 181 31.25 13.10 11.61
CA SER A 181 31.20 14.42 12.23
C SER A 181 30.20 14.45 13.38
N LEU A 182 29.06 13.78 13.23
CA LEU A 182 28.06 13.74 14.29
C LEU A 182 28.61 13.04 15.53
N GLU A 183 29.37 11.96 15.34
CA GLU A 183 29.93 11.26 16.48
C GLU A 183 30.88 12.16 17.27
N ALA A 184 31.80 12.83 16.58
CA ALA A 184 32.69 13.77 17.24
C ALA A 184 31.90 14.80 18.04
N TYR A 185 30.84 15.34 17.44
CA TYR A 185 30.01 16.32 18.13
C TYR A 185 29.44 15.75 19.42
N CYS A 186 28.91 14.53 19.36
CA CYS A 186 28.28 13.94 20.54
C CYS A 186 29.31 13.63 21.63
N LYS A 187 30.51 13.20 21.24
CA LYS A 187 31.52 12.83 22.24
C LYS A 187 31.97 14.05 23.04
N HIS A 188 32.13 15.19 22.38
CA HIS A 188 32.69 16.36 23.05
C HIS A 188 31.62 17.23 23.70
N LYS A 189 30.43 17.30 23.12
CA LYS A 189 29.37 18.09 23.73
C LYS A 189 28.60 17.31 24.80
N TYR A 190 28.62 15.98 24.73
CA TYR A 190 27.94 15.13 25.71
C TYR A 190 28.85 13.96 26.07
N PRO A 191 29.98 14.24 26.72
CA PRO A 191 30.89 13.13 27.06
C PRO A 191 30.28 12.11 28.00
N GLU A 192 29.40 12.53 28.92
CA GLU A 192 28.80 11.59 29.85
C GLU A 192 27.83 10.63 29.18
N GLN A 193 27.39 10.93 27.96
CA GLN A 193 26.44 10.07 27.24
C GLN A 193 27.17 9.30 26.14
N PRO A 194 27.81 8.18 26.48
CA PRO A 194 28.58 7.46 25.45
C PRO A 194 27.72 6.84 24.36
N GLY A 195 26.44 6.60 24.61
CA GLY A 195 25.56 5.99 23.63
C GLY A 195 24.66 6.96 22.89
N ARG A 196 24.88 8.27 23.01
CA ARG A 196 23.99 9.23 22.36
C ARG A 196 24.05 9.11 20.84
N PHE A 197 25.24 8.85 20.30
CA PHE A 197 25.40 8.74 18.85
C PHE A 197 24.53 7.63 18.28
N ALA A 198 24.64 6.42 18.82
CA ALA A 198 23.82 5.31 18.35
C ALA A 198 22.34 5.58 18.61
N LYS A 199 22.02 6.17 19.76
CA LYS A 199 20.64 6.52 20.06
C LYS A 199 20.05 7.40 18.97
N LEU A 200 20.80 8.38 18.50
CA LEU A 200 20.33 9.23 17.41
C LEU A 200 20.07 8.42 16.15
N LEU A 201 21.07 7.65 15.72
CA LEU A 201 20.94 6.89 14.47
C LEU A 201 19.80 5.89 14.55
N LEU A 202 19.51 5.35 15.74
CA LEU A 202 18.47 4.35 15.89
C LEU A 202 17.07 4.96 15.95
N ARG A 203 16.92 6.24 15.62
CA ARG A 203 15.61 6.81 15.39
C ARG A 203 15.28 6.93 13.91
N LEU A 204 16.25 6.64 13.04
CA LEU A 204 16.04 6.69 11.59
C LEU A 204 15.17 5.54 11.10
N PRO A 205 15.22 4.36 11.72
CA PRO A 205 14.26 3.32 11.33
C PRO A 205 12.82 3.74 11.58
N ALA A 206 12.54 4.33 12.74
CA ALA A 206 11.18 4.82 13.00
C ALA A 206 10.79 5.92 12.02
N LEU A 207 11.76 6.74 11.60
CA LEU A 207 11.46 7.76 10.60
C LEU A 207 11.15 7.14 9.25
N ARG A 208 11.86 6.05 8.91
CA ARG A 208 11.64 5.40 7.62
C ARG A 208 10.22 4.87 7.49
N SER A 209 9.75 4.13 8.50
CA SER A 209 8.41 3.54 8.41
C SER A 209 7.33 4.60 8.52
N ILE A 210 7.55 5.62 9.37
CA ILE A 210 6.55 6.68 9.50
C ILE A 210 6.43 7.45 8.20
N GLY A 211 7.56 7.70 7.53
CA GLY A 211 7.50 8.37 6.23
C GLY A 211 6.69 7.57 5.22
N LEU A 212 6.79 6.24 5.26
CA LEU A 212 6.04 5.40 4.35
C LEU A 212 4.55 5.44 4.66
N LYS A 213 4.18 5.40 5.95
CA LYS A 213 2.77 5.43 6.31
C LYS A 213 2.13 6.75 5.91
N CYS A 214 2.86 7.86 6.06
CA CYS A 214 2.30 9.17 5.68
C CYS A 214 1.96 9.21 4.20
N LEU A 215 2.84 8.67 3.35
CA LEU A 215 2.55 8.65 1.92
C LEU A 215 1.40 7.71 1.58
N GLU A 216 1.26 6.62 2.33
CA GLU A 216 0.22 5.64 2.04
C GLU A 216 -1.15 6.10 2.49
N HIS A 217 -1.24 6.70 3.68
CA HIS A 217 -2.51 7.14 4.24
C HIS A 217 -2.78 8.62 4.02
N LEU A 218 -1.97 9.27 3.18
CA LEU A 218 -2.21 10.67 2.84
C LEU A 218 -2.27 11.55 4.08
N PHE A 219 -1.33 11.29 5.00
CA PHE A 219 -1.30 11.99 6.29
C PHE A 219 -1.34 13.50 6.10
N PHE A 220 -0.55 14.01 5.16
CA PHE A 220 -0.44 15.46 4.97
C PHE A 220 -1.79 16.06 4.58
N PHE A 221 -2.48 15.43 3.63
CA PHE A 221 -3.73 15.98 3.12
C PHE A 221 -4.83 15.94 4.18
N LYS A 222 -4.96 14.82 4.89
CA LYS A 222 -6.07 14.65 5.81
C LYS A 222 -5.90 15.42 7.11
N LEU A 223 -4.68 15.90 7.42
CA LEU A 223 -4.50 16.68 8.63
C LEU A 223 -5.07 18.08 8.48
N ILE A 224 -4.96 18.66 7.29
CA ILE A 224 -5.31 20.06 7.07
C ILE A 224 -6.35 20.18 5.96
N GLY A 225 -6.35 19.22 5.04
CA GLY A 225 -7.13 19.34 3.82
C GLY A 225 -8.53 18.78 3.86
N ASP A 226 -8.96 18.15 4.95
CA ASP A 226 -10.28 17.54 4.95
C ASP A 226 -11.39 18.59 4.92
N THR A 227 -11.31 19.58 5.81
CA THR A 227 -12.38 20.57 5.91
C THR A 227 -12.26 21.62 4.80
N PRO A 228 -11.06 22.18 4.54
CA PRO A 228 -10.96 23.17 3.46
C PRO A 228 -11.43 22.64 2.12
N ILE A 229 -11.35 21.34 1.87
CA ILE A 229 -11.81 20.80 0.59
C ILE A 229 -13.34 20.78 0.55
N ASP A 230 -13.99 20.55 1.68
CA ASP A 230 -15.45 20.72 1.74
C ASP A 230 -15.82 22.17 1.44
N THR A 231 -15.15 23.10 2.11
CA THR A 231 -15.36 24.52 1.81
C THR A 231 -15.00 24.83 0.37
N PHE A 232 -13.90 24.25 -0.12
CA PHE A 232 -13.44 24.54 -1.47
C PHE A 232 -14.44 24.04 -2.52
N LEU A 233 -15.03 22.87 -2.29
CA LEU A 233 -16.01 22.33 -3.24
C LEU A 233 -17.33 23.08 -3.15
N MET A 234 -17.80 23.38 -1.94
CA MET A 234 -19.06 24.08 -1.78
C MET A 234 -19.05 25.39 -2.56
N GLU A 235 -17.92 26.10 -2.54
CA GLU A 235 -17.83 27.36 -3.28
C GLU A 235 -18.06 27.14 -4.77
N MET A 236 -17.54 26.05 -5.33
CA MET A 236 -17.73 25.77 -6.76
C MET A 236 -19.16 25.38 -7.06
N LEU A 237 -19.84 24.74 -6.10
CA LEU A 237 -21.21 24.30 -6.33
C LEU A 237 -22.21 25.46 -6.31
N GLU A 238 -21.90 26.53 -5.59
CA GLU A 238 -22.77 27.69 -5.48
C GLU A 238 -22.40 28.80 -6.47
N ALA A 239 -21.28 28.66 -7.18
CA ALA A 239 -20.86 29.64 -8.19
C ALA A 239 -21.88 29.72 -9.31
N PRO A 240 -21.82 30.74 -10.16
CA PRO A 240 -22.74 30.82 -11.29
C PRO A 240 -22.42 29.78 -12.34
N HIS A 241 -23.47 29.28 -13.00
CA HIS A 241 -23.33 28.18 -13.94
C HIS A 241 -24.42 28.30 -14.99
N GLN A 242 -24.16 27.71 -16.16
CA GLN A 242 -25.12 27.73 -17.26
C GLN A 242 -25.51 26.30 -17.64
N ASN B 9 30.74 -7.50 26.22
CA ASN B 9 30.45 -6.53 27.25
C ASN B 9 30.10 -7.23 28.56
N GLU B 10 30.08 -6.48 29.65
CA GLU B 10 29.81 -7.06 30.96
C GLU B 10 28.35 -7.47 31.09
N ASP B 11 27.43 -6.55 30.81
CA ASP B 11 26.01 -6.81 31.02
C ASP B 11 25.40 -7.59 29.85
N MET B 12 25.83 -7.29 28.63
CA MET B 12 25.33 -7.95 27.42
C MET B 12 26.52 -8.64 26.76
N PRO B 13 26.88 -9.84 27.18
CA PRO B 13 28.05 -10.52 26.61
C PRO B 13 27.86 -10.80 25.13
N VAL B 14 28.76 -10.25 24.32
CA VAL B 14 28.67 -10.47 22.87
C VAL B 14 28.94 -11.91 22.49
N GLU B 15 29.49 -12.72 23.40
CA GLU B 15 29.72 -14.12 23.10
C GLU B 15 28.43 -14.91 23.08
N ARG B 16 27.52 -14.63 24.03
CA ARG B 16 26.22 -15.31 24.05
C ARG B 16 25.40 -15.00 22.82
N ILE B 17 25.56 -13.81 22.24
CA ILE B 17 24.82 -13.45 21.04
C ILE B 17 25.33 -14.25 19.85
N LEU B 18 26.65 -14.45 19.76
CA LEU B 18 27.20 -15.27 18.70
C LEU B 18 26.87 -16.75 18.90
N GLU B 19 26.75 -17.18 20.16
CA GLU B 19 26.37 -18.57 20.43
C GLU B 19 24.95 -18.85 19.95
N ALA B 20 24.04 -17.88 20.15
CA ALA B 20 22.65 -18.08 19.72
C ALA B 20 22.56 -18.16 18.19
N GLU B 21 23.37 -17.37 17.48
CA GLU B 21 23.33 -17.40 16.02
C GLU B 21 23.79 -18.74 15.48
N LEU B 22 24.81 -19.34 16.10
CA LEU B 22 25.34 -20.61 15.62
C LEU B 22 24.54 -21.81 16.09
N ALA B 23 23.72 -21.66 17.13
CA ALA B 23 22.89 -22.75 17.62
C ALA B 23 21.68 -22.95 16.71
N PRO B 43 -1.68 -33.89 -4.51
CA PRO B 43 -0.60 -34.48 -3.72
C PRO B 43 -0.74 -34.13 -2.24
N ASN B 44 0.37 -34.15 -1.51
CA ASN B 44 0.35 -33.71 -0.12
C ASN B 44 -0.20 -32.29 -0.03
N ASP B 45 -0.91 -32.02 1.06
CA ASP B 45 -1.59 -30.75 1.23
C ASP B 45 -0.61 -29.59 1.16
N PRO B 46 -0.78 -28.63 0.21
CA PRO B 46 0.23 -27.59 0.04
C PRO B 46 0.20 -26.51 1.11
N VAL B 47 -1.00 -26.07 1.51
CA VAL B 47 -1.09 -25.02 2.53
C VAL B 47 -0.50 -25.52 3.85
N THR B 48 -0.95 -26.69 4.31
CA THR B 48 -0.41 -27.25 5.54
C THR B 48 1.09 -27.48 5.41
N ASN B 49 1.57 -27.81 4.22
N ASN B 49 1.58 -27.80 4.21
CA ASN B 49 3.01 -27.94 4.00
CA ASN B 49 3.02 -27.94 4.03
C ASN B 49 3.71 -26.62 4.25
C ASN B 49 3.73 -26.62 4.26
N ILE B 50 3.12 -25.51 3.81
CA ILE B 50 3.71 -24.20 4.04
C ILE B 50 3.62 -23.83 5.51
N CYS B 51 2.45 -24.03 6.12
CA CYS B 51 2.26 -23.73 7.53
C CYS B 51 3.32 -24.44 8.38
N GLN B 52 3.52 -25.73 8.14
CA GLN B 52 4.52 -26.48 8.91
C GLN B 52 5.91 -25.89 8.70
N ALA B 53 6.25 -25.54 7.46
CA ALA B 53 7.56 -24.94 7.20
C ALA B 53 7.69 -23.59 7.89
N ALA B 54 6.63 -22.78 7.84
CA ALA B 54 6.67 -21.50 8.53
C ALA B 54 6.71 -21.68 10.04
N ASP B 55 5.91 -22.61 10.57
CA ASP B 55 5.94 -22.91 11.99
C ASP B 55 7.35 -23.25 12.45
N LYS B 56 8.02 -24.15 11.74
CA LYS B 56 9.37 -24.55 12.13
C LYS B 56 10.34 -23.37 12.04
N GLN B 57 10.22 -22.57 10.98
CA GLN B 57 11.13 -21.44 10.82
C GLN B 57 10.91 -20.40 11.90
N LEU B 58 9.65 -20.19 12.31
CA LEU B 58 9.37 -19.26 13.41
C LEU B 58 9.96 -19.76 14.71
N PHE B 59 9.84 -21.07 14.97
CA PHE B 59 10.36 -21.62 16.23
C PHE B 59 11.87 -21.46 16.31
N THR B 60 12.58 -21.57 15.18
CA THR B 60 14.01 -21.31 15.17
C THR B 60 14.30 -19.91 15.68
N LEU B 61 13.47 -18.93 15.28
CA LEU B 61 13.66 -17.57 15.72
C LEU B 61 13.43 -17.44 17.22
N VAL B 62 12.45 -18.14 17.77
CA VAL B 62 12.16 -18.07 19.19
C VAL B 62 13.30 -18.67 20.00
N GLU B 63 13.80 -19.84 19.59
CA GLU B 63 14.92 -20.45 20.29
C GLU B 63 16.13 -19.52 20.28
N TRP B 64 16.37 -18.84 19.16
CA TRP B 64 17.45 -17.86 19.12
C TRP B 64 17.21 -16.72 20.09
N ALA B 65 15.97 -16.21 20.14
CA ALA B 65 15.67 -15.07 21.00
C ALA B 65 15.80 -15.42 22.48
N LYS B 66 15.48 -16.67 22.85
CA LYS B 66 15.57 -17.06 24.26
C LYS B 66 17.02 -17.17 24.73
N ARG B 67 17.94 -17.50 23.82
CA ARG B 67 19.35 -17.54 24.15
C ARG B 67 20.00 -16.17 24.15
N ILE B 68 19.28 -15.12 23.77
CA ILE B 68 19.80 -13.76 23.86
C ILE B 68 19.74 -13.31 25.33
N PRO B 69 20.86 -12.84 25.89
CA PRO B 69 20.85 -12.50 27.33
C PRO B 69 19.74 -11.51 27.69
N HIS B 70 19.01 -11.84 28.75
CA HIS B 70 18.04 -10.97 29.42
C HIS B 70 16.69 -10.95 28.71
N PHE B 71 16.55 -11.56 27.53
CA PHE B 71 15.24 -11.58 26.88
C PHE B 71 14.24 -12.41 27.66
N SER B 72 14.66 -13.59 28.14
CA SER B 72 13.75 -14.44 28.90
C SER B 72 13.38 -13.83 30.24
N GLU B 73 14.19 -12.90 30.75
CA GLU B 73 13.86 -12.21 32.01
C GLU B 73 12.71 -11.23 31.84
N LEU B 74 12.27 -10.95 30.62
CA LEU B 74 11.16 -10.05 30.39
C LEU B 74 9.83 -10.76 30.62
N PRO B 75 8.78 -10.01 30.92
CA PRO B 75 7.45 -10.62 31.02
C PRO B 75 7.10 -11.33 29.73
N LEU B 76 6.41 -12.48 29.86
CA LEU B 76 6.09 -13.27 28.68
C LEU B 76 5.26 -12.47 27.67
N ASP B 77 4.34 -11.64 28.15
CA ASP B 77 3.54 -10.83 27.23
C ASP B 77 4.42 -9.88 26.44
N ASP B 78 5.48 -9.35 27.04
CA ASP B 78 6.40 -8.48 26.31
C ASP B 78 7.22 -9.28 25.31
N GLN B 79 7.67 -10.47 25.68
CA GLN B 79 8.41 -11.31 24.76
C GLN B 79 7.60 -11.59 23.49
N VAL B 80 6.30 -11.84 23.65
CA VAL B 80 5.45 -12.07 22.49
C VAL B 80 5.35 -10.80 21.65
N ILE B 81 5.25 -9.64 22.30
CA ILE B 81 5.14 -8.38 21.57
C ILE B 81 6.38 -8.16 20.72
N LEU B 82 7.57 -8.38 21.29
CA LEU B 82 8.80 -8.19 20.54
C LEU B 82 8.92 -9.16 19.38
N LEU B 83 8.41 -10.38 19.55
CA LEU B 83 8.49 -11.36 18.47
C LEU B 83 7.54 -10.99 17.33
N ARG B 84 6.27 -10.69 17.66
CA ARG B 84 5.33 -10.26 16.63
C ARG B 84 5.82 -9.02 15.91
N ALA B 85 6.53 -8.14 16.62
CA ALA B 85 6.94 -6.87 16.03
C ALA B 85 8.19 -7.00 15.17
N GLY B 86 9.06 -7.97 15.45
CA GLY B 86 10.34 -8.06 14.77
C GLY B 86 10.54 -9.30 13.93
N TRP B 87 9.64 -10.28 14.00
CA TRP B 87 9.86 -11.55 13.32
C TRP B 87 10.16 -11.35 11.84
N ASN B 88 9.45 -10.41 11.20
CA ASN B 88 9.65 -10.19 9.77
C ASN B 88 11.07 -9.74 9.47
N GLU B 89 11.55 -8.69 10.17
CA GLU B 89 12.89 -8.19 9.91
C GLU B 89 13.96 -9.16 10.38
N LEU B 90 13.70 -9.90 11.46
CA LEU B 90 14.70 -10.82 11.98
C LEU B 90 14.97 -11.96 11.00
N LEU B 91 13.92 -12.47 10.34
CA LEU B 91 14.12 -13.49 9.32
C LEU B 91 14.83 -12.92 8.10
N ILE B 92 14.43 -11.72 7.65
CA ILE B 92 15.08 -11.11 6.50
C ILE B 92 16.56 -10.91 6.77
N ALA B 93 16.89 -10.37 7.93
CA ALA B 93 18.30 -10.20 8.29
C ALA B 93 19.03 -11.54 8.30
N SER B 94 18.35 -12.60 8.71
CA SER B 94 18.97 -13.92 8.79
C SER B 94 19.32 -14.45 7.40
N PHE B 95 18.33 -14.60 6.53
CA PHE B 95 18.61 -15.21 5.23
C PHE B 95 19.33 -14.26 4.30
N SER B 96 19.39 -12.97 4.61
CA SER B 96 20.18 -12.04 3.81
C SER B 96 21.67 -12.28 4.03
N HIS B 97 22.09 -12.39 5.30
CA HIS B 97 23.49 -12.63 5.61
C HIS B 97 23.93 -14.01 5.13
N ARG B 98 23.06 -15.00 5.23
CA ARG B 98 23.36 -16.35 4.76
C ARG B 98 23.53 -16.41 3.25
N SER B 99 22.97 -15.44 2.52
CA SER B 99 23.07 -15.39 1.07
C SER B 99 24.30 -14.63 0.59
N ILE B 100 25.25 -14.35 1.49
CA ILE B 100 26.47 -13.65 1.08
C ILE B 100 27.21 -14.45 0.02
N ALA B 101 27.25 -15.77 0.18
CA ALA B 101 28.04 -16.59 -0.74
C ALA B 101 27.38 -16.69 -2.11
N VAL B 102 26.08 -16.92 -2.15
CA VAL B 102 25.39 -17.13 -3.42
C VAL B 102 25.31 -15.80 -4.15
N LYS B 103 24.94 -15.84 -5.43
CA LYS B 103 24.80 -14.63 -6.24
C LYS B 103 23.45 -14.65 -6.95
N ASP B 104 22.87 -13.46 -7.09
CA ASP B 104 21.59 -13.29 -7.76
C ASP B 104 20.47 -14.11 -7.13
N GLY B 105 20.62 -14.48 -5.87
CA GLY B 105 19.59 -15.25 -5.18
C GLY B 105 19.80 -15.24 -3.69
N ILE B 106 18.83 -15.79 -2.97
CA ILE B 106 18.86 -15.90 -1.52
C ILE B 106 18.92 -17.37 -1.15
N LEU B 107 19.65 -17.68 -0.08
CA LEU B 107 19.78 -19.05 0.43
C LEU B 107 18.88 -19.18 1.65
N LEU B 108 17.74 -19.85 1.47
CA LEU B 108 16.82 -20.08 2.56
C LEU B 108 17.43 -21.03 3.58
N ALA B 109 16.80 -21.12 4.75
CA ALA B 109 17.27 -22.00 5.80
C ALA B 109 17.17 -23.48 5.41
N THR B 110 16.31 -23.81 4.45
CA THR B 110 16.12 -25.18 4.01
C THR B 110 17.14 -25.64 3.00
N GLY B 111 18.10 -24.79 2.62
CA GLY B 111 19.07 -25.12 1.60
C GLY B 111 18.60 -24.87 0.18
N LEU B 112 17.35 -24.48 -0.02
CA LEU B 112 16.84 -24.22 -1.36
C LEU B 112 17.38 -22.89 -1.87
N HIS B 113 17.99 -22.91 -3.06
CA HIS B 113 18.57 -21.71 -3.67
C HIS B 113 17.50 -21.06 -4.55
N VAL B 114 16.95 -19.95 -4.08
CA VAL B 114 15.97 -19.19 -4.84
C VAL B 114 16.69 -18.13 -5.66
N HIS B 115 16.35 -18.03 -6.94
CA HIS B 115 17.03 -17.11 -7.85
C HIS B 115 16.14 -15.90 -8.13
N ARG B 116 16.79 -14.85 -8.65
CA ARG B 116 16.10 -13.60 -8.92
C ARG B 116 14.84 -13.81 -9.77
N ASN B 117 14.93 -14.66 -10.79
N ASN B 117 14.94 -14.64 -10.81
CA ASN B 117 13.77 -14.92 -11.64
CA ASN B 117 13.80 -14.85 -11.69
C ASN B 117 12.69 -15.69 -10.89
C ASN B 117 12.71 -15.70 -11.01
N SER B 118 13.09 -16.67 -10.07
N SER B 118 13.10 -16.61 -10.13
CA SER B 118 12.12 -17.43 -9.30
CA SER B 118 12.11 -17.39 -9.38
C SER B 118 11.26 -16.53 -8.44
C SER B 118 11.24 -16.49 -8.52
N ALA B 119 11.80 -15.39 -8.01
CA ALA B 119 11.02 -14.44 -7.23
C ALA B 119 10.19 -13.53 -8.14
N HIS B 120 10.74 -13.19 -9.31
CA HIS B 120 9.96 -12.43 -10.29
C HIS B 120 8.74 -13.21 -10.76
N SER B 121 8.85 -14.54 -10.83
N SER B 121 8.86 -14.55 -10.83
CA SER B 121 7.71 -15.36 -11.23
CA SER B 121 7.72 -15.36 -11.22
C SER B 121 6.57 -15.22 -10.22
C SER B 121 6.57 -15.21 -10.23
N ALA B 122 6.89 -15.07 -8.95
CA ALA B 122 5.88 -14.91 -7.91
C ALA B 122 5.33 -13.50 -7.83
N GLY B 123 5.86 -12.56 -8.63
CA GLY B 123 5.41 -11.19 -8.58
C GLY B 123 6.07 -10.34 -7.52
N VAL B 124 7.15 -10.84 -6.90
CA VAL B 124 7.85 -10.10 -5.85
C VAL B 124 9.27 -9.82 -6.29
N GLY B 125 9.44 -9.41 -7.56
CA GLY B 125 10.77 -9.16 -8.08
C GLY B 125 11.39 -7.89 -7.55
N ALA B 126 10.59 -6.87 -7.30
CA ALA B 126 11.12 -5.60 -6.79
C ALA B 126 11.70 -5.79 -5.39
N ILE B 127 10.96 -6.48 -4.51
CA ILE B 127 11.45 -6.72 -3.15
C ILE B 127 12.73 -7.54 -3.19
N PHE B 128 12.77 -8.56 -4.04
CA PHE B 128 13.94 -9.44 -4.10
C PHE B 128 15.20 -8.65 -4.43
N ASP B 129 15.12 -7.73 -5.39
CA ASP B 129 16.30 -6.94 -5.75
C ASP B 129 16.73 -6.05 -4.60
N ARG B 130 15.77 -5.47 -3.87
CA ARG B 130 16.12 -4.63 -2.73
C ARG B 130 16.89 -5.40 -1.68
N VAL B 131 16.48 -6.65 -1.40
CA VAL B 131 17.21 -7.47 -0.44
C VAL B 131 18.65 -7.66 -0.89
N LEU B 132 18.86 -7.93 -2.18
CA LEU B 132 20.21 -8.16 -2.67
C LEU B 132 21.03 -6.88 -2.67
N THR B 133 20.46 -5.77 -3.11
CA THR B 133 21.21 -4.53 -3.24
C THR B 133 21.44 -3.88 -1.88
N GLU B 134 20.41 -3.79 -1.05
CA GLU B 134 20.47 -3.02 0.18
C GLU B 134 20.93 -3.83 1.39
N LEU B 135 20.83 -5.16 1.34
CA LEU B 135 21.21 -6.00 2.47
C LEU B 135 22.34 -6.95 2.09
N VAL B 136 22.11 -7.91 1.18
CA VAL B 136 23.11 -8.93 0.90
C VAL B 136 24.39 -8.28 0.38
N SER B 137 24.27 -7.43 -0.64
CA SER B 137 25.44 -6.81 -1.24
C SER B 137 26.22 -5.99 -0.22
N LYS B 138 25.51 -5.18 0.58
CA LYS B 138 26.18 -4.38 1.60
C LYS B 138 26.81 -5.27 2.68
N MET B 139 26.09 -6.33 3.08
CA MET B 139 26.65 -7.28 4.03
C MET B 139 27.92 -7.91 3.49
N ARG B 140 27.95 -8.22 2.20
CA ARG B 140 29.10 -8.87 1.60
C ARG B 140 30.31 -7.93 1.57
N ASP B 141 30.11 -6.70 1.08
CA ASP B 141 31.23 -5.77 0.92
C ASP B 141 31.96 -5.55 2.23
N MET B 142 31.23 -5.34 3.32
CA MET B 142 31.83 -5.01 4.61
C MET B 142 32.18 -6.24 5.43
N GLN B 143 32.05 -7.44 4.87
CA GLN B 143 32.40 -8.67 5.56
C GLN B 143 31.75 -8.75 6.94
N MET B 144 30.45 -8.47 6.98
CA MET B 144 29.72 -8.55 8.24
C MET B 144 29.82 -9.96 8.80
N ASP B 145 30.42 -10.08 9.98
CA ASP B 145 30.53 -11.39 10.62
C ASP B 145 29.25 -11.71 11.37
N LYS B 146 29.17 -12.95 11.85
CA LYS B 146 27.93 -13.41 12.50
C LYS B 146 27.76 -12.76 13.86
N THR B 147 28.84 -12.35 14.51
CA THR B 147 28.73 -11.61 15.76
C THR B 147 28.03 -10.27 15.52
N GLU B 148 28.46 -9.55 14.49
CA GLU B 148 27.83 -8.28 14.16
C GLU B 148 26.38 -8.46 13.74
N LEU B 149 26.11 -9.51 12.95
CA LEU B 149 24.72 -9.82 12.60
C LEU B 149 23.88 -10.07 13.84
N GLY B 150 24.39 -10.91 14.74
CA GLY B 150 23.62 -11.24 15.94
C GLY B 150 23.26 -10.01 16.75
N CYS B 151 24.18 -9.04 16.84
CA CYS B 151 23.90 -7.83 17.59
C CYS B 151 22.81 -7.00 16.92
N LEU B 152 22.91 -6.81 15.61
CA LEU B 152 21.87 -6.06 14.89
C LEU B 152 20.51 -6.71 15.05
N ARG B 153 20.46 -8.04 14.97
CA ARG B 153 19.19 -8.73 15.19
C ARG B 153 18.73 -8.57 16.63
N ALA B 154 19.66 -8.55 17.59
CA ALA B 154 19.27 -8.32 18.97
C ALA B 154 18.78 -6.89 19.19
N ILE B 155 19.33 -5.93 18.44
CA ILE B 155 18.81 -4.56 18.48
C ILE B 155 17.39 -4.52 17.93
N VAL B 156 17.18 -5.16 16.79
CA VAL B 156 15.84 -5.23 16.21
C VAL B 156 14.89 -5.93 17.17
N LEU B 157 15.35 -7.00 17.82
CA LEU B 157 14.51 -7.70 18.79
C LEU B 157 14.08 -6.78 19.92
N PHE B 158 15.05 -6.09 20.55
CA PHE B 158 14.76 -5.15 21.62
C PHE B 158 14.32 -3.82 20.98
N ASN B 159 13.08 -3.82 20.49
CA ASN B 159 12.50 -2.64 19.88
C ASN B 159 11.60 -1.94 20.90
N PRO B 160 12.02 -0.82 21.48
CA PRO B 160 11.17 -0.15 22.49
C PRO B 160 9.99 0.59 21.89
N ASP B 161 9.88 0.66 20.57
CA ASP B 161 8.72 1.27 19.92
C ASP B 161 7.56 0.29 19.75
N SER B 162 7.78 -0.99 20.01
CA SER B 162 6.72 -1.98 19.89
C SER B 162 5.55 -1.60 20.79
N LYS B 163 4.34 -1.72 20.25
CA LYS B 163 3.15 -1.26 20.95
C LYS B 163 2.69 -2.30 21.97
N GLY B 164 2.25 -1.82 23.14
CA GLY B 164 1.73 -2.68 24.18
C GLY B 164 2.73 -3.10 25.23
N LEU B 165 4.00 -2.69 25.11
CA LEU B 165 5.01 -3.07 26.07
C LEU B 165 4.63 -2.60 27.47
N SER B 166 4.86 -3.45 28.46
CA SER B 166 4.55 -3.10 29.84
C SER B 166 5.57 -2.15 30.43
N ASN B 167 6.82 -2.21 29.97
CA ASN B 167 7.88 -1.32 30.44
C ASN B 167 8.83 -1.04 29.30
N PRO B 168 8.45 -0.15 28.39
CA PRO B 168 9.36 0.16 27.26
C PRO B 168 10.74 0.61 27.69
N ALA B 169 10.89 1.14 28.91
CA ALA B 169 12.18 1.65 29.35
C ALA B 169 13.21 0.54 29.48
N GLU B 170 12.82 -0.61 30.05
CA GLU B 170 13.78 -1.70 30.20
C GLU B 170 14.15 -2.30 28.84
N VAL B 171 13.23 -2.29 27.88
CA VAL B 171 13.56 -2.73 26.52
C VAL B 171 14.59 -1.79 25.91
N GLU B 172 14.40 -0.48 26.07
N GLU B 172 14.38 -0.49 26.05
CA GLU B 172 15.39 0.46 25.55
CA GLU B 172 15.36 0.48 25.58
C GLU B 172 16.72 0.32 26.26
C GLU B 172 16.71 0.26 26.25
N ALA B 173 16.70 -0.03 27.56
CA ALA B 173 17.95 -0.29 28.27
C ALA B 173 18.66 -1.50 27.69
N LEU B 174 17.92 -2.59 27.43
CA LEU B 174 18.51 -3.77 26.84
C LEU B 174 19.08 -3.47 25.45
N ARG B 175 18.34 -2.71 24.65
CA ARG B 175 18.86 -2.29 23.35
C ARG B 175 20.12 -1.46 23.52
N GLU B 176 20.17 -0.61 24.55
CA GLU B 176 21.36 0.21 24.79
C GLU B 176 22.57 -0.67 25.10
N LYS B 177 22.38 -1.71 25.91
CA LYS B 177 23.48 -2.60 26.23
C LYS B 177 24.01 -3.28 24.98
N VAL B 178 23.12 -3.73 24.08
CA VAL B 178 23.56 -4.47 22.90
C VAL B 178 24.49 -3.62 22.06
N TYR B 179 24.05 -2.43 21.64
CA TYR B 179 24.87 -1.65 20.72
C TYR B 179 26.06 -1.02 21.42
N ALA B 180 26.05 -0.94 22.75
CA ALA B 180 27.29 -0.64 23.47
C ALA B 180 28.31 -1.74 23.26
N SER B 181 27.89 -3.00 23.41
CA SER B 181 28.79 -4.13 23.18
C SER B 181 29.26 -4.16 21.73
N LEU B 182 28.33 -4.01 20.79
CA LEU B 182 28.70 -4.06 19.38
C LEU B 182 29.77 -3.02 19.05
N GLU B 183 29.58 -1.78 19.54
CA GLU B 183 30.58 -0.74 19.30
C GLU B 183 31.93 -1.15 19.86
N ALA B 184 31.95 -1.67 21.10
CA ALA B 184 33.20 -2.14 21.69
C ALA B 184 33.81 -3.26 20.84
N TYR B 185 32.97 -4.21 20.42
CA TYR B 185 33.46 -5.29 19.57
C TYR B 185 34.01 -4.76 18.25
N CYS B 186 33.34 -3.76 17.67
CA CYS B 186 33.77 -3.25 16.37
C CYS B 186 35.06 -2.46 16.47
N LYS B 187 35.20 -1.64 17.51
CA LYS B 187 36.43 -0.87 17.68
C LYS B 187 37.63 -1.78 17.98
N HIS B 188 37.39 -2.96 18.52
CA HIS B 188 38.46 -3.90 18.84
C HIS B 188 38.78 -4.82 17.67
N LYS B 189 37.76 -5.40 17.04
CA LYS B 189 37.98 -6.35 15.95
C LYS B 189 38.35 -5.65 14.65
N TYR B 190 37.98 -4.39 14.48
CA TYR B 190 38.26 -3.64 13.25
C TYR B 190 38.71 -2.23 13.62
N PRO B 191 39.86 -2.11 14.29
CA PRO B 191 40.31 -0.77 14.72
C PRO B 191 40.55 0.19 13.56
N GLU B 192 40.85 -0.32 12.37
CA GLU B 192 41.08 0.55 11.21
C GLU B 192 39.78 1.08 10.62
N GLN B 193 38.63 0.55 11.03
CA GLN B 193 37.34 1.01 10.53
C GLN B 193 36.58 1.73 11.63
N PRO B 194 36.89 3.00 11.91
CA PRO B 194 36.19 3.71 12.98
C PRO B 194 34.71 3.90 12.72
N GLY B 195 34.31 3.98 11.45
CA GLY B 195 32.92 4.17 11.09
C GLY B 195 32.15 2.90 10.82
N ARG B 196 32.71 1.73 11.16
CA ARG B 196 32.02 0.47 10.89
C ARG B 196 30.78 0.33 11.77
N PHE B 197 30.85 0.80 13.01
CA PHE B 197 29.72 0.69 13.92
C PHE B 197 28.49 1.41 13.35
N ALA B 198 28.65 2.66 12.94
CA ALA B 198 27.54 3.40 12.36
C ALA B 198 27.10 2.80 11.03
N LYS B 199 28.03 2.20 10.28
CA LYS B 199 27.67 1.56 9.02
C LYS B 199 26.73 0.39 9.27
N LEU B 200 26.91 -0.32 10.38
CA LEU B 200 26.03 -1.43 10.71
C LEU B 200 24.64 -0.95 11.08
N LEU B 201 24.54 0.10 11.90
CA LEU B 201 23.25 0.60 12.33
C LEU B 201 22.47 1.21 11.17
N LEU B 202 23.17 1.78 10.18
CA LEU B 202 22.51 2.46 9.08
C LEU B 202 22.03 1.50 7.99
N ARG B 203 22.06 0.20 8.25
CA ARG B 203 21.35 -0.77 7.42
C ARG B 203 19.97 -1.10 7.97
N LEU B 204 19.67 -0.67 9.20
CA LEU B 204 18.41 -0.98 9.86
C LEU B 204 17.24 -0.22 9.22
N PRO B 205 17.42 1.03 8.78
CA PRO B 205 16.33 1.67 8.04
C PRO B 205 15.93 0.88 6.81
N ALA B 206 16.91 0.45 6.01
CA ALA B 206 16.61 -0.40 4.86
C ALA B 206 15.94 -1.70 5.29
N LEU B 207 16.44 -2.31 6.36
CA LEU B 207 15.82 -3.53 6.87
C LEU B 207 14.38 -3.26 7.31
N ARG B 208 14.12 -2.08 7.88
CA ARG B 208 12.78 -1.70 8.27
C ARG B 208 11.89 -1.52 7.05
N SER B 209 12.36 -0.73 6.08
CA SER B 209 11.58 -0.49 4.86
C SER B 209 11.28 -1.80 4.15
N ILE B 210 12.31 -2.62 3.92
CA ILE B 210 12.11 -3.88 3.20
C ILE B 210 11.15 -4.78 3.97
N GLY B 211 11.26 -4.79 5.30
CA GLY B 211 10.39 -5.66 6.09
C GLY B 211 8.92 -5.36 5.89
N LEU B 212 8.57 -4.08 5.75
CA LEU B 212 7.18 -3.70 5.52
C LEU B 212 6.70 -4.16 4.15
N LYS B 213 7.57 -4.10 3.14
CA LYS B 213 7.17 -4.51 1.79
C LYS B 213 6.95 -6.01 1.70
N CYS B 214 7.69 -6.80 2.48
CA CYS B 214 7.51 -8.25 2.44
C CYS B 214 6.14 -8.66 2.93
N LEU B 215 5.59 -7.94 3.91
CA LEU B 215 4.28 -8.31 4.46
C LEU B 215 3.17 -8.13 3.43
N GLU B 216 3.06 -6.93 2.85
CA GLU B 216 1.94 -6.66 1.95
C GLU B 216 2.02 -7.48 0.66
N HIS B 217 3.21 -7.93 0.27
CA HIS B 217 3.37 -8.77 -0.90
C HIS B 217 3.35 -10.26 -0.58
N LEU B 218 3.25 -10.63 0.69
CA LEU B 218 3.29 -12.04 1.10
C LEU B 218 4.58 -12.70 0.61
N PHE B 219 5.69 -11.99 0.84
CA PHE B 219 6.98 -12.40 0.30
C PHE B 219 7.37 -13.80 0.78
N PHE B 220 7.28 -14.03 2.09
CA PHE B 220 7.68 -15.33 2.63
C PHE B 220 6.75 -16.43 2.15
N PHE B 221 5.44 -16.21 2.27
CA PHE B 221 4.46 -17.21 1.82
C PHE B 221 4.74 -17.65 0.40
N LYS B 222 5.02 -16.70 -0.49
CA LYS B 222 5.16 -17.02 -1.91
C LYS B 222 6.41 -17.85 -2.18
N LEU B 223 7.55 -17.44 -1.64
CA LEU B 223 8.81 -18.11 -1.96
C LEU B 223 8.77 -19.58 -1.58
N ILE B 224 8.38 -19.87 -0.33
CA ILE B 224 8.28 -21.26 0.11
C ILE B 224 6.97 -21.93 -0.28
N GLY B 225 6.12 -21.27 -1.07
CA GLY B 225 4.82 -21.81 -1.43
C GLY B 225 4.46 -21.63 -2.89
N ASP B 226 5.25 -20.87 -3.64
CA ASP B 226 4.94 -20.61 -5.04
C ASP B 226 4.85 -21.90 -5.83
N THR B 227 5.80 -22.81 -5.63
CA THR B 227 5.87 -24.03 -6.42
C THR B 227 4.85 -25.06 -5.93
N PRO B 228 4.78 -25.35 -4.63
CA PRO B 228 3.75 -26.29 -4.15
C PRO B 228 2.35 -25.97 -4.64
N ILE B 229 2.01 -24.70 -4.81
CA ILE B 229 0.68 -24.33 -5.31
C ILE B 229 0.55 -24.68 -6.78
N ASP B 230 1.51 -24.25 -7.61
CA ASP B 230 1.48 -24.60 -9.02
C ASP B 230 1.44 -26.11 -9.21
N THR B 231 2.22 -26.86 -8.41
CA THR B 231 2.15 -28.31 -8.44
C THR B 231 0.74 -28.79 -8.11
N PHE B 232 0.15 -28.24 -7.04
CA PHE B 232 -1.20 -28.64 -6.66
C PHE B 232 -2.22 -28.19 -7.68
N LEU B 233 -2.03 -27.01 -8.27
CA LEU B 233 -2.97 -26.51 -9.27
C LEU B 233 -2.86 -27.30 -10.57
N MET B 234 -1.64 -27.40 -11.11
CA MET B 234 -1.45 -28.09 -12.38
C MET B 234 -2.02 -29.51 -12.35
N GLU B 235 -1.82 -30.22 -11.23
CA GLU B 235 -2.26 -31.61 -11.16
C GLU B 235 -3.77 -31.71 -11.09
N MET B 236 -4.42 -30.77 -10.41
CA MET B 236 -5.88 -30.80 -10.31
C MET B 236 -6.55 -30.33 -11.59
N LEU B 237 -5.95 -29.37 -12.29
CA LEU B 237 -6.52 -28.91 -13.56
C LEU B 237 -6.37 -29.97 -14.65
N GLU B 238 -5.41 -30.89 -14.51
CA GLU B 238 -5.30 -32.04 -15.40
C GLU B 238 -6.12 -33.23 -14.91
N ALA B 239 -6.34 -33.34 -13.61
CA ALA B 239 -7.05 -34.46 -13.03
C ALA B 239 -8.48 -34.53 -13.58
N PRO B 240 -9.15 -35.67 -13.42
CA PRO B 240 -10.56 -35.78 -13.83
C PRO B 240 -11.44 -34.75 -13.14
N GLU C 10 -35.49 9.22 -21.22
CA GLU C 10 -36.50 8.89 -20.21
C GLU C 10 -36.50 9.96 -19.12
N ASP C 11 -36.40 9.56 -17.85
CA ASP C 11 -36.31 10.52 -16.76
C ASP C 11 -34.90 11.11 -16.66
N MET C 12 -33.89 10.38 -17.12
CA MET C 12 -32.52 10.84 -17.18
C MET C 12 -32.12 10.97 -18.64
N PRO C 13 -32.47 12.08 -19.30
CA PRO C 13 -32.21 12.19 -20.75
C PRO C 13 -30.75 11.99 -21.08
N VAL C 14 -30.47 10.97 -21.89
CA VAL C 14 -29.11 10.72 -22.34
C VAL C 14 -28.57 11.85 -23.20
N GLU C 15 -29.44 12.74 -23.67
CA GLU C 15 -28.99 13.93 -24.37
C GLU C 15 -28.40 14.94 -23.40
N ARG C 16 -29.03 15.10 -22.23
CA ARG C 16 -28.50 16.00 -21.21
C ARG C 16 -27.16 15.50 -20.66
N ILE C 17 -26.96 14.18 -20.64
CA ILE C 17 -25.68 13.64 -20.19
C ILE C 17 -24.59 13.90 -21.23
N LEU C 18 -24.94 13.80 -22.51
CA LEU C 18 -23.95 14.03 -23.57
C LEU C 18 -23.60 15.50 -23.70
N GLU C 19 -24.57 16.39 -23.47
CA GLU C 19 -24.29 17.83 -23.54
C GLU C 19 -23.30 18.23 -22.45
N ALA C 20 -23.42 17.63 -21.26
CA ALA C 20 -22.48 17.95 -20.18
C ALA C 20 -21.07 17.47 -20.51
N GLU C 21 -20.95 16.35 -21.23
CA GLU C 21 -19.62 15.84 -21.56
C GLU C 21 -18.91 16.73 -22.57
N LEU C 22 -19.64 17.22 -23.58
CA LEU C 22 -19.03 18.04 -24.61
C LEU C 22 -18.83 19.49 -24.19
N ALA C 23 -19.61 19.97 -23.21
CA ALA C 23 -19.43 21.32 -22.70
C ALA C 23 -18.20 21.45 -21.81
N VAL C 24 -17.41 20.41 -21.66
CA VAL C 24 -16.22 20.43 -20.82
C VAL C 24 -15.02 19.90 -21.60
N PRO C 43 8.62 28.77 -14.52
CA PRO C 43 9.36 29.76 -13.74
C PRO C 43 8.67 30.08 -12.42
N ASN C 44 7.38 30.39 -12.50
CA ASN C 44 6.61 30.65 -11.29
C ASN C 44 6.70 29.45 -10.36
N ASP C 45 6.35 29.67 -9.10
CA ASP C 45 6.51 28.65 -8.08
C ASP C 45 5.78 27.38 -8.51
N PRO C 46 6.46 26.21 -8.48
CA PRO C 46 5.91 25.03 -9.17
C PRO C 46 4.75 24.36 -8.45
N VAL C 47 4.79 24.31 -7.13
CA VAL C 47 3.69 23.69 -6.38
C VAL C 47 2.39 24.46 -6.63
N THR C 48 2.46 25.79 -6.53
CA THR C 48 1.28 26.61 -6.81
C THR C 48 0.76 26.35 -8.22
N ASN C 49 1.66 26.22 -9.20
N ASN C 49 1.67 26.22 -9.19
CA ASN C 49 1.23 25.92 -10.55
CA ASN C 49 1.25 25.91 -10.56
C ASN C 49 0.51 24.58 -10.64
C ASN C 49 0.49 24.60 -10.60
N ILE C 50 0.90 23.62 -9.79
CA ILE C 50 0.20 22.34 -9.76
C ILE C 50 -1.15 22.48 -9.07
N CYS C 51 -1.21 23.28 -8.00
CA CYS C 51 -2.49 23.55 -7.36
C CYS C 51 -3.46 24.21 -8.32
N GLN C 52 -2.99 25.21 -9.07
CA GLN C 52 -3.85 25.88 -10.04
C GLN C 52 -4.41 24.90 -11.06
N ALA C 53 -3.55 24.05 -11.62
CA ALA C 53 -4.01 23.06 -12.59
C ALA C 53 -5.03 22.11 -11.97
N ALA C 54 -4.77 21.65 -10.74
CA ALA C 54 -5.71 20.76 -10.07
C ALA C 54 -7.02 21.47 -9.76
N ASP C 55 -6.93 22.70 -9.25
CA ASP C 55 -8.14 23.50 -9.01
C ASP C 55 -8.93 23.66 -10.31
N LYS C 56 -8.24 24.01 -11.40
CA LYS C 56 -8.91 24.22 -12.68
C LYS C 56 -9.60 22.96 -13.16
N GLN C 57 -8.96 21.80 -12.97
CA GLN C 57 -9.54 20.55 -13.42
C GLN C 57 -10.70 20.12 -12.53
N LEU C 58 -10.63 20.44 -11.23
CA LEU C 58 -11.72 20.09 -10.32
C LEU C 58 -12.97 20.91 -10.65
N PHE C 59 -12.79 22.19 -10.95
CA PHE C 59 -13.93 23.05 -11.26
C PHE C 59 -14.69 22.55 -12.48
N THR C 60 -13.97 22.17 -13.54
CA THR C 60 -14.64 21.62 -14.72
C THR C 60 -15.44 20.38 -14.37
N LEU C 61 -14.94 19.58 -13.42
CA LEU C 61 -15.68 18.40 -12.97
C LEU C 61 -16.94 18.79 -12.22
N VAL C 62 -16.91 19.91 -11.50
CA VAL C 62 -18.10 20.39 -10.81
C VAL C 62 -19.12 20.91 -11.82
N GLU C 63 -18.67 21.71 -12.79
CA GLU C 63 -19.59 22.22 -13.79
C GLU C 63 -20.22 21.09 -14.59
N TRP C 64 -19.45 20.02 -14.85
CA TRP C 64 -20.00 18.85 -15.51
C TRP C 64 -21.08 18.20 -14.65
N ALA C 65 -20.80 18.01 -13.35
CA ALA C 65 -21.74 17.35 -12.48
C ALA C 65 -23.03 18.14 -12.31
N LYS C 66 -22.96 19.47 -12.39
CA LYS C 66 -24.14 20.30 -12.27
C LYS C 66 -24.98 20.31 -13.54
N ARG C 67 -24.41 19.89 -14.67
CA ARG C 67 -25.17 19.68 -15.89
C ARG C 67 -25.75 18.27 -15.98
N ILE C 68 -25.48 17.41 -15.00
CA ILE C 68 -26.11 16.09 -14.95
C ILE C 68 -27.52 16.26 -14.40
N PRO C 69 -28.54 15.68 -15.04
CA PRO C 69 -29.91 15.84 -14.51
C PRO C 69 -30.03 15.33 -13.08
N HIS C 70 -30.64 16.14 -12.23
CA HIS C 70 -31.05 15.82 -10.88
C HIS C 70 -29.90 15.89 -9.88
N PHE C 71 -28.65 16.05 -10.32
CA PHE C 71 -27.54 16.12 -9.36
C PHE C 71 -27.68 17.34 -8.45
N SER C 72 -27.89 18.52 -9.04
CA SER C 72 -28.05 19.72 -8.24
C SER C 72 -29.25 19.64 -7.31
N GLU C 73 -30.23 18.79 -7.62
CA GLU C 73 -31.39 18.62 -6.77
C GLU C 73 -31.08 17.86 -5.49
N LEU C 74 -29.91 17.25 -5.39
CA LEU C 74 -29.49 16.58 -4.17
C LEU C 74 -29.09 17.60 -3.11
N PRO C 75 -29.00 17.18 -1.84
CA PRO C 75 -28.45 18.08 -0.82
C PRO C 75 -27.02 18.45 -1.14
N LEU C 76 -26.69 19.72 -0.91
CA LEU C 76 -25.35 20.21 -1.24
C LEU C 76 -24.28 19.39 -0.51
N ASP C 77 -24.55 19.03 0.75
CA ASP C 77 -23.58 18.22 1.49
C ASP C 77 -23.35 16.88 0.81
N ASP C 78 -24.40 16.30 0.21
CA ASP C 78 -24.24 15.05 -0.51
C ASP C 78 -23.50 15.25 -1.82
N GLN C 79 -23.73 16.39 -2.49
CA GLN C 79 -22.98 16.69 -3.70
C GLN C 79 -21.48 16.76 -3.41
N VAL C 80 -21.10 17.34 -2.26
CA VAL C 80 -19.69 17.37 -1.88
C VAL C 80 -19.17 15.97 -1.65
N ILE C 81 -19.96 15.11 -1.01
CA ILE C 81 -19.53 13.74 -0.74
C ILE C 81 -19.29 13.00 -2.04
N LEU C 82 -20.26 13.05 -2.96
CA LEU C 82 -20.12 12.33 -4.23
C LEU C 82 -18.90 12.81 -5.02
N LEU C 83 -18.56 14.09 -4.90
CA LEU C 83 -17.40 14.61 -5.63
C LEU C 83 -16.10 14.14 -5.01
N ARG C 84 -15.97 14.27 -3.69
CA ARG C 84 -14.77 13.78 -3.02
C ARG C 84 -14.60 12.27 -3.24
N ALA C 85 -15.70 11.54 -3.37
CA ALA C 85 -15.64 10.09 -3.53
C ALA C 85 -15.35 9.66 -4.96
N GLY C 86 -15.66 10.49 -5.95
CA GLY C 86 -15.56 10.07 -7.33
C GLY C 86 -14.60 10.89 -8.18
N TRP C 87 -14.11 12.01 -7.65
CA TRP C 87 -13.27 12.89 -8.47
C TRP C 87 -12.11 12.16 -9.11
N ASN C 88 -11.55 11.16 -8.42
CA ASN C 88 -10.41 10.44 -8.96
C ASN C 88 -10.81 9.62 -10.18
N GLU C 89 -11.82 8.77 -10.04
CA GLU C 89 -12.23 7.92 -11.14
C GLU C 89 -12.83 8.73 -12.29
N LEU C 90 -13.50 9.84 -11.99
CA LEU C 90 -14.11 10.65 -13.04
C LEU C 90 -13.05 11.29 -13.92
N LEU C 91 -11.94 11.75 -13.34
CA LEU C 91 -10.87 12.31 -14.14
C LEU C 91 -10.18 11.25 -14.98
N ILE C 92 -9.92 10.08 -14.39
CA ILE C 92 -9.28 9.00 -15.14
C ILE C 92 -10.16 8.60 -16.31
N ALA C 93 -11.47 8.57 -16.11
CA ALA C 93 -12.38 8.26 -17.21
C ALA C 93 -12.29 9.31 -18.32
N SER C 94 -12.15 10.58 -17.94
CA SER C 94 -12.08 11.66 -18.90
C SER C 94 -10.85 11.54 -19.81
N PHE C 95 -9.65 11.66 -19.24
CA PHE C 95 -8.47 11.64 -20.09
C PHE C 95 -8.17 10.26 -20.68
N SER C 96 -8.81 9.20 -20.17
CA SER C 96 -8.65 7.89 -20.78
C SER C 96 -9.42 7.82 -22.11
N HIS C 97 -10.67 8.28 -22.10
CA HIS C 97 -11.42 8.34 -23.34
C HIS C 97 -10.92 9.45 -24.25
N ARG C 98 -10.38 10.52 -23.68
CA ARG C 98 -9.76 11.58 -24.47
C ARG C 98 -8.50 11.12 -25.19
N SER C 99 -7.84 10.09 -24.68
CA SER C 99 -6.59 9.60 -25.25
C SER C 99 -6.80 8.53 -26.31
N ILE C 100 -8.05 8.29 -26.72
CA ILE C 100 -8.31 7.34 -27.81
C ILE C 100 -7.56 7.77 -29.07
N ALA C 101 -7.63 9.06 -29.40
CA ALA C 101 -6.98 9.55 -30.61
C ALA C 101 -5.48 9.36 -30.55
N VAL C 102 -4.85 9.87 -29.49
CA VAL C 102 -3.41 9.65 -29.33
C VAL C 102 -3.16 8.16 -29.15
N LYS C 103 -1.91 7.76 -29.41
CA LYS C 103 -1.53 6.36 -29.34
C LYS C 103 -0.34 6.20 -28.42
N ASP C 104 -0.41 5.19 -27.54
CA ASP C 104 0.67 4.88 -26.61
C ASP C 104 1.01 6.09 -25.74
N GLY C 105 0.00 6.87 -25.40
CA GLY C 105 0.15 8.00 -24.50
C GLY C 105 -1.22 8.46 -24.07
N ILE C 106 -1.23 9.34 -23.07
CA ILE C 106 -2.46 9.91 -22.53
C ILE C 106 -2.46 11.40 -22.80
N LEU C 107 -3.63 11.94 -23.12
CA LEU C 107 -3.80 13.37 -23.36
C LEU C 107 -4.54 13.96 -22.16
N LEU C 108 -3.81 14.63 -21.28
CA LEU C 108 -4.43 15.29 -20.15
C LEU C 108 -5.26 16.47 -20.63
N ALA C 109 -6.11 16.97 -19.74
CA ALA C 109 -6.98 18.09 -20.08
C ALA C 109 -6.20 19.35 -20.39
N THR C 110 -4.96 19.45 -19.93
CA THR C 110 -4.13 20.64 -20.16
C THR C 110 -3.51 20.67 -21.55
N GLY C 111 -3.87 19.73 -22.42
CA GLY C 111 -3.25 19.63 -23.73
C GLY C 111 -1.91 18.94 -23.74
N LEU C 112 -1.30 18.72 -22.58
CA LEU C 112 -0.02 18.04 -22.52
C LEU C 112 -0.15 16.60 -22.96
N HIS C 113 0.68 16.20 -23.91
CA HIS C 113 0.73 14.82 -24.39
C HIS C 113 1.82 14.08 -23.62
N VAL C 114 1.41 13.24 -22.67
CA VAL C 114 2.33 12.50 -21.81
C VAL C 114 2.48 11.10 -22.39
N HIS C 115 3.72 10.66 -22.54
CA HIS C 115 4.02 9.36 -23.14
C HIS C 115 4.60 8.41 -22.10
N ARG C 116 4.76 7.16 -22.53
CA ARG C 116 5.11 6.08 -21.60
C ARG C 116 6.47 6.35 -20.93
N ASN C 117 7.42 6.92 -21.68
CA ASN C 117 8.73 7.18 -21.10
C ASN C 117 8.68 8.37 -20.14
N SER C 118 7.85 9.37 -20.46
CA SER C 118 7.70 10.51 -19.57
C SER C 118 7.08 10.13 -18.23
N ALA C 119 6.34 9.03 -18.18
CA ALA C 119 5.72 8.58 -16.94
C ALA C 119 6.60 7.62 -16.15
N HIS C 120 7.37 6.77 -16.83
CA HIS C 120 8.29 5.88 -16.13
C HIS C 120 9.35 6.67 -15.37
N SER C 121 9.78 7.80 -15.93
N SER C 121 9.79 7.80 -15.94
CA SER C 121 10.75 8.64 -15.22
CA SER C 121 10.75 8.65 -15.23
C SER C 121 10.16 9.20 -13.94
C SER C 121 10.15 9.19 -13.94
N ALA C 122 8.85 9.47 -13.92
CA ALA C 122 8.18 9.98 -12.73
C ALA C 122 7.87 8.88 -11.71
N GLY C 123 8.22 7.63 -12.00
CA GLY C 123 7.95 6.55 -11.08
C GLY C 123 6.56 5.97 -11.13
N VAL C 124 5.72 6.44 -12.04
CA VAL C 124 4.34 5.95 -12.16
C VAL C 124 4.18 5.21 -13.48
N GLY C 125 5.20 4.43 -13.86
CA GLY C 125 5.13 3.71 -15.12
C GLY C 125 4.14 2.56 -15.08
N ALA C 126 4.03 1.88 -13.94
CA ALA C 126 3.12 0.75 -13.83
C ALA C 126 1.68 1.19 -14.05
N ILE C 127 1.25 2.25 -13.36
CA ILE C 127 -0.12 2.74 -13.52
C ILE C 127 -0.36 3.17 -14.95
N PHE C 128 0.64 3.80 -15.58
CA PHE C 128 0.48 4.30 -16.94
C PHE C 128 0.08 3.19 -17.89
N ASP C 129 0.72 2.02 -17.78
CA ASP C 129 0.41 0.91 -18.68
C ASP C 129 -0.98 0.34 -18.41
N ARG C 130 -1.41 0.35 -17.15
CA ARG C 130 -2.76 -0.14 -16.84
C ARG C 130 -3.83 0.75 -17.46
N VAL C 131 -3.59 2.06 -17.49
CA VAL C 131 -4.55 2.98 -18.10
C VAL C 131 -4.70 2.68 -19.58
N LEU C 132 -3.58 2.42 -20.26
CA LEU C 132 -3.64 2.14 -21.69
C LEU C 132 -4.20 0.75 -21.96
N THR C 133 -3.85 -0.24 -21.14
CA THR C 133 -4.27 -1.60 -21.38
C THR C 133 -5.72 -1.83 -20.98
N GLU C 134 -6.13 -1.30 -19.82
CA GLU C 134 -7.43 -1.63 -19.24
C GLU C 134 -8.51 -0.59 -19.53
N LEU C 135 -8.13 0.63 -19.91
CA LEU C 135 -9.12 1.69 -20.19
C LEU C 135 -9.01 2.17 -21.62
N VAL C 136 -7.92 2.82 -22.00
CA VAL C 136 -7.83 3.45 -23.33
C VAL C 136 -8.02 2.40 -24.42
N SER C 137 -7.21 1.35 -24.40
CA SER C 137 -7.28 0.34 -25.46
C SER C 137 -8.65 -0.31 -25.52
N LYS C 138 -9.23 -0.64 -24.36
CA LYS C 138 -10.54 -1.26 -24.35
C LYS C 138 -11.62 -0.28 -24.81
N MET C 139 -11.47 0.99 -24.45
CA MET C 139 -12.38 2.01 -24.95
C MET C 139 -12.29 2.12 -26.47
N ARG C 140 -11.08 2.06 -27.02
CA ARG C 140 -10.91 2.23 -28.46
C ARG C 140 -11.46 1.02 -29.22
N ASP C 141 -11.17 -0.19 -28.74
CA ASP C 141 -11.61 -1.39 -29.47
C ASP C 141 -13.12 -1.39 -29.67
N MET C 142 -13.88 -1.17 -28.59
CA MET C 142 -15.34 -1.15 -28.68
C MET C 142 -15.88 0.18 -29.14
N GLN C 143 -15.02 1.16 -29.44
CA GLN C 143 -15.44 2.46 -29.95
C GLN C 143 -16.49 3.09 -29.04
N MET C 144 -16.14 3.20 -27.77
CA MET C 144 -17.03 3.85 -26.79
C MET C 144 -17.25 5.30 -27.17
N ASP C 145 -18.49 5.65 -27.49
CA ASP C 145 -18.79 7.03 -27.84
C ASP C 145 -18.96 7.87 -26.58
N LYS C 146 -18.93 9.19 -26.77
CA LYS C 146 -18.97 10.11 -25.64
C LYS C 146 -20.29 10.05 -24.88
N THR C 147 -21.37 9.60 -25.53
CA THR C 147 -22.62 9.41 -24.81
C THR C 147 -22.50 8.28 -23.79
N GLU C 148 -21.87 7.17 -24.18
CA GLU C 148 -21.67 6.07 -23.24
C GLU C 148 -20.69 6.46 -22.14
N LEU C 149 -19.61 7.18 -22.49
CA LEU C 149 -18.69 7.67 -21.48
C LEU C 149 -19.42 8.48 -20.42
N GLY C 150 -20.28 9.41 -20.85
CA GLY C 150 -20.97 10.27 -19.92
C GLY C 150 -21.83 9.48 -18.94
N CYS C 151 -22.49 8.43 -19.42
CA CYS C 151 -23.31 7.61 -18.55
C CYS C 151 -22.46 6.91 -17.49
N LEU C 152 -21.34 6.31 -17.92
CA LEU C 152 -20.46 5.63 -16.97
C LEU C 152 -19.95 6.59 -15.91
N ARG C 153 -19.60 7.81 -16.31
CA ARG C 153 -19.13 8.78 -15.32
C ARG C 153 -20.27 9.23 -14.41
N ALA C 154 -21.49 9.34 -14.94
CA ALA C 154 -22.63 9.65 -14.09
C ALA C 154 -22.90 8.52 -13.10
N ILE C 155 -22.75 7.28 -13.55
CA ILE C 155 -22.90 6.13 -12.64
C ILE C 155 -21.88 6.22 -11.52
N VAL C 156 -20.62 6.51 -11.86
CA VAL C 156 -19.58 6.67 -10.84
C VAL C 156 -19.93 7.83 -9.92
N LEU C 157 -20.41 8.94 -10.48
CA LEU C 157 -20.80 10.08 -9.67
C LEU C 157 -21.89 9.70 -8.67
N PHE C 158 -22.95 9.04 -9.15
CA PHE C 158 -24.04 8.58 -8.30
C PHE C 158 -23.64 7.26 -7.65
N ASN C 159 -22.74 7.36 -6.68
CA ASN C 159 -22.19 6.18 -6.00
C ASN C 159 -22.87 6.04 -4.64
N PRO C 160 -23.85 5.15 -4.47
CA PRO C 160 -24.54 5.04 -3.18
C PRO C 160 -23.69 4.49 -2.06
N ASP C 161 -22.48 3.99 -2.36
CA ASP C 161 -21.59 3.48 -1.33
C ASP C 161 -20.80 4.58 -0.64
N SER C 162 -20.83 5.79 -1.16
CA SER C 162 -20.09 6.90 -0.55
C SER C 162 -20.51 7.07 0.90
N LYS C 163 -19.53 7.22 1.78
CA LYS C 163 -19.79 7.31 3.20
C LYS C 163 -20.26 8.71 3.56
N GLY C 164 -21.21 8.78 4.50
CA GLY C 164 -21.75 10.04 4.96
C GLY C 164 -22.96 10.54 4.22
N LEU C 165 -23.45 9.80 3.22
CA LEU C 165 -24.62 10.25 2.48
C LEU C 165 -25.84 10.28 3.38
N SER C 166 -26.60 11.37 3.29
CA SER C 166 -27.81 11.51 4.10
C SER C 166 -28.87 10.51 3.69
N ASN C 167 -28.98 10.23 2.39
CA ASN C 167 -29.99 9.32 1.85
C ASN C 167 -29.39 8.55 0.70
N PRO C 168 -28.66 7.47 0.97
CA PRO C 168 -28.08 6.68 -0.13
C PRO C 168 -29.12 6.15 -1.11
N ALA C 169 -30.39 6.04 -0.70
CA ALA C 169 -31.39 5.45 -1.57
C ALA C 169 -31.66 6.32 -2.79
N GLU C 170 -31.79 7.63 -2.60
CA GLU C 170 -32.04 8.52 -3.74
C GLU C 170 -30.84 8.59 -4.66
N VAL C 171 -29.63 8.37 -4.13
CA VAL C 171 -28.46 8.24 -4.99
C VAL C 171 -28.53 6.93 -5.78
N GLU C 172 -28.88 5.84 -5.10
N GLU C 172 -28.87 5.83 -5.10
CA GLU C 172 -29.06 4.56 -5.80
CA GLU C 172 -29.07 4.57 -5.80
C GLU C 172 -30.19 4.65 -6.82
C GLU C 172 -30.16 4.69 -6.85
N ALA C 173 -31.22 5.45 -6.54
CA ALA C 173 -32.30 5.64 -7.50
C ALA C 173 -31.80 6.37 -8.75
N LEU C 174 -31.08 7.46 -8.56
CA LEU C 174 -30.55 8.20 -9.69
C LEU C 174 -29.62 7.32 -10.53
N ARG C 175 -28.75 6.55 -9.88
CA ARG C 175 -27.89 5.63 -10.60
C ARG C 175 -28.72 4.68 -11.46
N GLU C 176 -29.80 4.13 -10.90
CA GLU C 176 -30.65 3.23 -11.65
C GLU C 176 -31.21 3.89 -12.91
N LYS C 177 -31.55 5.17 -12.81
CA LYS C 177 -32.05 5.88 -13.98
C LYS C 177 -30.98 6.03 -15.05
N VAL C 178 -29.73 6.20 -14.63
CA VAL C 178 -28.65 6.39 -15.60
C VAL C 178 -28.43 5.12 -16.41
N TYR C 179 -28.21 3.99 -15.74
CA TYR C 179 -27.97 2.76 -16.49
C TYR C 179 -29.25 2.13 -17.01
N ALA C 180 -30.42 2.69 -16.68
CA ALA C 180 -31.62 2.39 -17.44
C ALA C 180 -31.57 3.06 -18.81
N SER C 181 -31.19 4.34 -18.84
CA SER C 181 -31.06 5.05 -20.10
C SER C 181 -29.89 4.51 -20.92
N LEU C 182 -28.78 4.19 -20.27
CA LEU C 182 -27.61 3.69 -20.99
C LEU C 182 -27.93 2.39 -21.72
N GLU C 183 -28.57 1.46 -21.03
CA GLU C 183 -28.98 0.21 -21.69
C GLU C 183 -29.91 0.50 -22.86
N ALA C 184 -30.90 1.38 -22.65
CA ALA C 184 -31.79 1.77 -23.74
C ALA C 184 -31.01 2.37 -24.89
N TYR C 185 -30.04 3.24 -24.59
CA TYR C 185 -29.23 3.85 -25.65
C TYR C 185 -28.39 2.81 -26.39
N CYS C 186 -27.91 1.78 -25.68
CA CYS C 186 -27.05 0.79 -26.30
C CYS C 186 -27.83 -0.15 -27.21
N LYS C 187 -28.98 -0.65 -26.73
CA LYS C 187 -29.79 -1.55 -27.55
C LYS C 187 -30.31 -0.86 -28.81
N HIS C 188 -30.39 0.47 -28.81
CA HIS C 188 -30.86 1.21 -29.97
C HIS C 188 -29.72 1.56 -30.92
N LYS C 189 -28.64 2.13 -30.39
CA LYS C 189 -27.52 2.55 -31.21
C LYS C 189 -26.66 1.39 -31.69
N TYR C 190 -26.67 0.26 -30.98
CA TYR C 190 -25.87 -0.91 -31.34
C TYR C 190 -26.71 -2.16 -31.12
N PRO C 191 -27.76 -2.35 -31.94
CA PRO C 191 -28.61 -3.53 -31.74
C PRO C 191 -27.89 -4.85 -31.99
N GLU C 192 -26.93 -4.87 -32.90
CA GLU C 192 -26.18 -6.10 -33.18
C GLU C 192 -25.25 -6.50 -32.04
N GLN C 193 -25.07 -5.63 -31.04
CA GLN C 193 -24.23 -5.91 -29.87
C GLN C 193 -25.13 -5.92 -28.64
N PRO C 194 -25.84 -7.02 -28.38
CA PRO C 194 -26.73 -7.05 -27.21
C PRO C 194 -26.00 -6.95 -25.88
N GLY C 195 -24.81 -7.53 -25.78
CA GLY C 195 -24.03 -7.48 -24.56
C GLY C 195 -23.15 -6.27 -24.42
N ARG C 196 -23.32 -5.26 -25.27
CA ARG C 196 -22.49 -4.06 -25.18
C ARG C 196 -22.72 -3.34 -23.85
N PHE C 197 -23.98 -3.32 -23.38
CA PHE C 197 -24.29 -2.62 -22.13
C PHE C 197 -23.49 -3.19 -20.97
N ALA C 198 -23.54 -4.50 -20.78
CA ALA C 198 -22.78 -5.13 -19.71
C ALA C 198 -21.28 -4.88 -19.89
N LYS C 199 -20.81 -4.95 -21.14
CA LYS C 199 -19.39 -4.72 -21.42
C LYS C 199 -18.94 -3.36 -20.89
N LEU C 200 -19.79 -2.34 -21.02
CA LEU C 200 -19.45 -1.01 -20.53
C LEU C 200 -19.31 -1.01 -19.01
N LEU C 201 -20.31 -1.54 -18.30
CA LEU C 201 -20.26 -1.56 -16.85
C LEU C 201 -19.05 -2.32 -16.33
N LEU C 202 -18.60 -3.34 -17.06
CA LEU C 202 -17.51 -4.19 -16.61
C LEU C 202 -16.13 -3.59 -16.87
N ARG C 203 -16.08 -2.31 -17.23
CA ARG C 203 -14.83 -1.55 -17.17
C ARG C 203 -14.72 -0.72 -15.90
N LEU C 204 -15.76 -0.71 -15.07
CA LEU C 204 -15.78 0.06 -13.83
C LEU C 204 -14.90 -0.59 -12.77
N PRO C 205 -14.87 -1.93 -12.67
CA PRO C 205 -13.90 -2.54 -11.74
C PRO C 205 -12.47 -2.11 -12.03
N ALA C 206 -12.03 -2.20 -13.28
CA ALA C 206 -10.71 -1.73 -13.65
C ALA C 206 -10.54 -0.25 -13.30
N LEU C 207 -11.53 0.57 -13.64
CA LEU C 207 -11.47 1.98 -13.28
C LEU C 207 -11.38 2.17 -11.78
N ARG C 208 -12.01 1.28 -11.00
CA ARG C 208 -11.92 1.37 -9.55
C ARG C 208 -10.52 1.05 -9.06
N SER C 209 -9.96 -0.08 -9.53
CA SER C 209 -8.62 -0.47 -9.13
C SER C 209 -7.61 0.60 -9.51
N ILE C 210 -7.62 1.03 -10.77
CA ILE C 210 -6.68 2.05 -11.22
C ILE C 210 -6.82 3.32 -10.39
N GLY C 211 -8.05 3.71 -10.09
CA GLY C 211 -8.26 4.92 -9.30
C GLY C 211 -7.54 4.85 -7.96
N LEU C 212 -7.55 3.69 -7.32
CA LEU C 212 -6.88 3.53 -6.04
C LEU C 212 -5.37 3.67 -6.17
N LYS C 213 -4.79 3.12 -7.23
CA LYS C 213 -3.35 3.21 -7.41
C LYS C 213 -2.90 4.64 -7.72
N CYS C 214 -3.74 5.43 -8.36
CA CYS C 214 -3.36 6.80 -8.69
C CYS C 214 -3.19 7.64 -7.44
N LEU C 215 -4.05 7.43 -6.43
CA LEU C 215 -3.94 8.20 -5.19
C LEU C 215 -2.64 7.90 -4.47
N GLU C 216 -2.36 6.62 -4.22
CA GLU C 216 -1.18 6.27 -3.42
C GLU C 216 0.11 6.67 -4.12
N HIS C 217 0.14 6.63 -5.44
CA HIS C 217 1.33 7.02 -6.21
C HIS C 217 1.34 8.48 -6.59
N LEU C 218 0.33 9.27 -6.19
CA LEU C 218 0.22 10.67 -6.59
C LEU C 218 0.33 10.80 -8.10
N PHE C 219 -0.47 9.99 -8.81
CA PHE C 219 -0.39 9.91 -10.26
C PHE C 219 -0.61 11.28 -10.91
N PHE C 220 -1.67 11.97 -10.51
CA PHE C 220 -1.98 13.26 -11.11
C PHE C 220 -0.92 14.30 -10.75
N PHE C 221 -0.60 14.42 -9.46
CA PHE C 221 0.41 15.38 -9.02
C PHE C 221 1.67 15.29 -9.85
N LYS C 222 2.15 14.06 -10.09
CA LYS C 222 3.45 13.88 -10.71
C LYS C 222 3.41 14.20 -12.20
N LEU C 223 2.40 13.70 -12.91
CA LEU C 223 2.38 13.88 -14.37
C LEU C 223 2.36 15.35 -14.75
N ILE C 224 1.43 16.13 -14.18
CA ILE C 224 1.38 17.56 -14.46
C ILE C 224 2.39 18.35 -13.65
N GLY C 225 3.20 17.70 -12.82
CA GLY C 225 4.11 18.40 -11.94
C GLY C 225 5.52 17.85 -11.92
N ASP C 226 5.75 16.69 -12.54
CA ASP C 226 7.08 16.09 -12.51
C ASP C 226 8.10 17.01 -13.18
N THR C 227 7.77 17.52 -14.37
CA THR C 227 8.72 18.41 -15.06
C THR C 227 8.80 19.76 -14.40
N PRO C 228 7.70 20.45 -14.07
CA PRO C 228 7.83 21.70 -13.31
C PRO C 228 8.72 21.59 -12.08
N ILE C 229 8.65 20.47 -11.37
CA ILE C 229 9.51 20.28 -10.19
C ILE C 229 10.96 20.09 -10.61
N ASP C 230 11.20 19.19 -11.56
CA ASP C 230 12.57 19.00 -12.06
C ASP C 230 13.12 20.30 -12.64
N THR C 231 12.30 21.03 -13.39
CA THR C 231 12.73 22.32 -13.91
C THR C 231 13.09 23.28 -12.78
N PHE C 232 12.19 23.41 -11.80
CA PHE C 232 12.47 24.28 -10.65
C PHE C 232 13.71 23.84 -9.90
N LEU C 233 13.88 22.52 -9.73
CA LEU C 233 15.05 22.01 -9.00
C LEU C 233 16.34 22.29 -9.77
N MET C 234 16.40 21.87 -11.04
CA MET C 234 17.59 22.11 -11.84
C MET C 234 18.03 23.56 -11.77
N GLU C 235 17.08 24.50 -11.86
CA GLU C 235 17.42 25.91 -11.78
C GLU C 235 17.93 26.27 -10.39
N MET C 236 17.33 25.69 -9.35
CA MET C 236 17.71 26.02 -7.98
C MET C 236 19.10 25.48 -7.65
N LEU C 237 19.42 24.27 -8.09
CA LEU C 237 20.69 23.66 -7.75
C LEU C 237 21.88 24.36 -8.40
N GLU C 238 21.63 25.13 -9.46
CA GLU C 238 22.67 25.92 -10.10
C GLU C 238 22.66 27.38 -9.66
N ALA C 239 21.55 27.86 -9.10
CA ALA C 239 21.46 29.23 -8.65
C ALA C 239 22.40 29.47 -7.46
N PRO C 240 22.68 30.73 -7.12
CA PRO C 240 23.49 31.02 -5.94
C PRO C 240 22.91 30.45 -4.65
N ASP D 45 -4.68 -27.07 19.12
CA ASP D 45 -3.89 -26.29 18.17
C ASP D 45 -4.80 -25.71 17.08
N PRO D 46 -5.48 -24.61 17.40
CA PRO D 46 -6.40 -24.01 16.41
C PRO D 46 -5.72 -23.59 15.12
N VAL D 47 -4.45 -23.19 15.19
CA VAL D 47 -3.75 -22.69 14.00
C VAL D 47 -3.69 -23.78 12.94
N THR D 48 -3.29 -24.99 13.34
CA THR D 48 -3.15 -26.09 12.38
C THR D 48 -4.49 -26.37 11.68
N ASN D 49 -5.59 -26.29 12.42
CA ASN D 49 -6.90 -26.56 11.83
C ASN D 49 -7.23 -25.56 10.73
N ILE D 50 -6.72 -24.33 10.82
CA ILE D 50 -6.99 -23.33 9.80
C ILE D 50 -6.28 -23.69 8.50
N CYS D 51 -5.09 -24.29 8.59
CA CYS D 51 -4.35 -24.64 7.39
C CYS D 51 -4.98 -25.83 6.68
N GLN D 52 -5.52 -26.80 7.44
CA GLN D 52 -6.30 -27.86 6.83
C GLN D 52 -7.53 -27.30 6.15
N ALA D 53 -8.27 -26.43 6.84
CA ALA D 53 -9.45 -25.83 6.26
C ALA D 53 -9.12 -25.08 4.97
N ALA D 54 -7.96 -24.43 4.92
CA ALA D 54 -7.57 -23.72 3.72
C ALA D 54 -7.31 -24.67 2.56
N ASP D 55 -6.66 -25.80 2.84
CA ASP D 55 -6.44 -26.81 1.81
C ASP D 55 -7.78 -27.30 1.24
N LYS D 56 -8.75 -27.58 2.12
CA LYS D 56 -10.08 -27.95 1.66
C LYS D 56 -10.69 -26.83 0.83
N GLN D 57 -10.71 -25.61 1.37
CA GLN D 57 -11.30 -24.48 0.66
C GLN D 57 -10.65 -24.30 -0.71
N LEU D 58 -9.32 -24.46 -0.78
CA LEU D 58 -8.63 -24.35 -2.07
C LEU D 58 -9.07 -25.46 -3.01
N PHE D 59 -9.14 -26.69 -2.52
CA PHE D 59 -9.61 -27.80 -3.33
C PHE D 59 -11.01 -27.52 -3.89
N THR D 60 -11.93 -27.09 -3.02
CA THR D 60 -13.27 -26.74 -3.47
C THR D 60 -13.23 -25.69 -4.58
N LEU D 61 -12.31 -24.72 -4.47
CA LEU D 61 -12.24 -23.65 -5.46
C LEU D 61 -11.86 -24.18 -6.83
N VAL D 62 -10.82 -25.01 -6.89
CA VAL D 62 -10.36 -25.54 -8.18
C VAL D 62 -11.43 -26.39 -8.82
N GLU D 63 -12.10 -27.23 -8.02
CA GLU D 63 -13.18 -28.05 -8.57
C GLU D 63 -14.32 -27.17 -9.07
N TRP D 64 -14.69 -26.13 -8.32
CA TRP D 64 -15.70 -25.20 -8.78
C TRP D 64 -15.32 -24.60 -10.13
N ALA D 65 -14.06 -24.15 -10.26
CA ALA D 65 -13.63 -23.55 -11.51
C ALA D 65 -13.63 -24.55 -12.66
N LYS D 66 -13.38 -25.83 -12.36
CA LYS D 66 -13.39 -26.84 -13.42
C LYS D 66 -14.80 -27.15 -13.90
N ARG D 67 -15.80 -26.96 -13.04
CA ARG D 67 -17.19 -27.16 -13.46
C ARG D 67 -17.69 -26.03 -14.35
N ILE D 68 -17.03 -24.88 -14.35
CA ILE D 68 -17.47 -23.76 -15.19
C ILE D 68 -17.32 -24.15 -16.66
N PRO D 69 -18.34 -23.97 -17.49
CA PRO D 69 -18.21 -24.39 -18.90
C PRO D 69 -17.04 -23.72 -19.58
N HIS D 70 -16.24 -24.52 -20.28
CA HIS D 70 -15.15 -24.10 -21.15
C HIS D 70 -13.91 -23.63 -20.38
N PHE D 71 -13.96 -23.57 -19.05
CA PHE D 71 -12.80 -23.14 -18.30
C PHE D 71 -11.61 -24.08 -18.53
N SER D 72 -11.83 -25.38 -18.39
CA SER D 72 -10.76 -26.34 -18.56
C SER D 72 -10.21 -26.35 -19.99
N GLU D 73 -10.98 -25.84 -20.95
CA GLU D 73 -10.51 -25.77 -22.33
C GLU D 73 -9.46 -24.69 -22.53
N LEU D 74 -9.28 -23.78 -21.57
CA LEU D 74 -8.26 -22.76 -21.69
C LEU D 74 -6.88 -23.36 -21.46
N PRO D 75 -5.83 -22.71 -21.97
CA PRO D 75 -4.47 -23.15 -21.66
C PRO D 75 -4.26 -23.22 -20.16
N LEU D 76 -3.63 -24.31 -19.70
CA LEU D 76 -3.46 -24.51 -18.27
C LEU D 76 -2.75 -23.33 -17.62
N ASP D 77 -1.82 -22.69 -18.35
CA ASP D 77 -1.17 -21.49 -17.82
C ASP D 77 -2.19 -20.38 -17.58
N ASP D 78 -3.15 -20.22 -18.48
CA ASP D 78 -4.19 -19.22 -18.29
C ASP D 78 -5.12 -19.59 -17.14
N GLN D 79 -5.38 -20.89 -16.96
CA GLN D 79 -6.23 -21.30 -15.84
C GLN D 79 -5.61 -20.93 -14.50
N VAL D 80 -4.29 -21.12 -14.36
CA VAL D 80 -3.62 -20.77 -13.12
C VAL D 80 -3.63 -19.26 -12.92
N ILE D 81 -3.31 -18.50 -13.98
CA ILE D 81 -3.31 -17.04 -13.88
C ILE D 81 -4.65 -16.54 -13.40
N LEU D 82 -5.75 -17.06 -13.95
CA LEU D 82 -7.07 -16.59 -13.54
C LEU D 82 -7.38 -16.97 -12.10
N LEU D 83 -6.90 -18.13 -11.64
CA LEU D 83 -7.05 -18.49 -10.24
C LEU D 83 -6.10 -17.70 -9.34
N ARG D 84 -4.89 -17.39 -9.84
CA ARG D 84 -3.99 -16.53 -9.09
C ARG D 84 -4.59 -15.16 -8.86
N ALA D 85 -5.25 -14.60 -9.88
CA ALA D 85 -5.74 -13.23 -9.83
C ALA D 85 -7.12 -13.11 -9.19
N GLY D 86 -7.86 -14.21 -9.04
CA GLY D 86 -9.25 -14.13 -8.65
C GLY D 86 -9.59 -14.71 -7.30
N TRP D 87 -8.74 -15.58 -6.76
CA TRP D 87 -9.11 -16.29 -5.53
C TRP D 87 -9.46 -15.34 -4.41
N ASN D 88 -8.83 -14.17 -4.35
CA ASN D 88 -9.12 -13.22 -3.29
C ASN D 88 -10.55 -12.72 -3.38
N GLU D 89 -10.95 -12.22 -4.55
CA GLU D 89 -12.32 -11.73 -4.71
C GLU D 89 -13.33 -12.85 -4.67
N LEU D 90 -12.97 -14.05 -5.15
CA LEU D 90 -13.90 -15.17 -5.13
C LEU D 90 -14.23 -15.58 -3.70
N LEU D 91 -13.24 -15.56 -2.81
CA LEU D 91 -13.48 -15.90 -1.41
C LEU D 91 -14.33 -14.84 -0.73
N ILE D 92 -14.04 -13.56 -0.99
CA ILE D 92 -14.80 -12.48 -0.39
C ILE D 92 -16.25 -12.54 -0.84
N ALA D 93 -16.48 -12.81 -2.13
CA ALA D 93 -17.84 -12.94 -2.63
C ALA D 93 -18.57 -14.09 -1.96
N SER D 94 -17.86 -15.17 -1.63
CA SER D 94 -18.48 -16.34 -1.04
C SER D 94 -18.96 -16.05 0.38
N PHE D 95 -18.04 -15.74 1.29
CA PHE D 95 -18.42 -15.60 2.69
C PHE D 95 -19.25 -14.35 2.94
N SER D 96 -19.19 -13.34 2.06
CA SER D 96 -20.13 -12.24 2.14
C SER D 96 -21.55 -12.73 1.88
N HIS D 97 -21.75 -13.50 0.82
CA HIS D 97 -23.05 -14.08 0.54
C HIS D 97 -23.44 -15.10 1.61
N ARG D 98 -22.46 -15.88 2.09
CA ARG D 98 -22.73 -16.83 3.16
C ARG D 98 -23.19 -16.13 4.43
N SER D 99 -22.87 -14.85 4.60
CA SER D 99 -23.17 -14.11 5.82
C SER D 99 -24.48 -13.35 5.75
N ILE D 100 -25.32 -13.63 4.74
CA ILE D 100 -26.60 -12.94 4.63
C ILE D 100 -27.43 -13.14 5.89
N ALA D 101 -27.41 -14.36 6.44
CA ALA D 101 -28.20 -14.66 7.63
C ALA D 101 -27.65 -13.99 8.88
N VAL D 102 -26.37 -13.66 8.90
CA VAL D 102 -25.75 -13.08 10.09
C VAL D 102 -26.14 -11.63 10.25
N LYS D 103 -26.09 -11.16 11.50
CA LYS D 103 -26.23 -9.74 11.83
C LYS D 103 -24.88 -9.23 12.31
N ASP D 104 -24.42 -8.12 11.72
CA ASP D 104 -23.21 -7.44 12.16
C ASP D 104 -22.05 -8.41 12.31
N GLY D 105 -21.86 -9.25 11.30
CA GLY D 105 -20.78 -10.22 11.33
C GLY D 105 -20.70 -10.96 10.02
N ILE D 106 -19.61 -11.71 9.87
CA ILE D 106 -19.41 -12.55 8.70
C ILE D 106 -19.15 -13.97 9.16
N LEU D 107 -19.60 -14.93 8.35
CA LEU D 107 -19.51 -16.36 8.66
C LEU D 107 -18.46 -16.97 7.75
N LEU D 108 -17.34 -17.38 8.33
CA LEU D 108 -16.27 -17.98 7.54
C LEU D 108 -16.60 -19.44 7.23
N ALA D 109 -15.82 -20.03 6.31
CA ALA D 109 -16.11 -21.38 5.83
C ALA D 109 -16.05 -22.40 6.95
N THR D 110 -15.22 -22.17 7.96
CA THR D 110 -15.06 -23.10 9.08
C THR D 110 -16.14 -22.96 10.14
N GLY D 111 -17.27 -22.33 9.82
CA GLY D 111 -18.31 -22.08 10.79
C GLY D 111 -17.98 -21.04 11.83
N LEU D 112 -16.81 -20.42 11.76
CA LEU D 112 -16.39 -19.43 12.74
C LEU D 112 -17.13 -18.12 12.50
N HIS D 113 -17.94 -17.71 13.47
N HIS D 113 -17.90 -17.69 13.50
CA HIS D 113 -18.65 -16.44 13.40
CA HIS D 113 -18.66 -16.45 13.43
C HIS D 113 -17.78 -15.32 13.95
C HIS D 113 -17.81 -15.30 13.98
N VAL D 114 -17.77 -14.19 13.25
CA VAL D 114 -17.00 -13.03 13.65
C VAL D 114 -17.93 -11.82 13.65
N HIS D 115 -18.10 -11.20 14.82
CA HIS D 115 -18.92 -10.01 14.95
C HIS D 115 -18.07 -8.76 14.78
N ARG D 116 -18.72 -7.66 14.42
CA ARG D 116 -17.99 -6.43 14.11
C ARG D 116 -17.27 -5.87 15.32
N ASN D 117 -17.82 -6.09 16.53
N ASN D 117 -17.82 -6.09 16.52
CA ASN D 117 -17.16 -5.62 17.73
CA ASN D 117 -17.14 -5.60 17.73
C ASN D 117 -15.78 -6.24 17.87
C ASN D 117 -15.78 -6.25 17.89
N SER D 118 -15.62 -7.50 17.44
CA SER D 118 -14.32 -8.16 17.48
C SER D 118 -13.42 -7.66 16.36
N ALA D 119 -13.99 -7.28 15.22
CA ALA D 119 -13.20 -6.78 14.10
C ALA D 119 -12.65 -5.39 14.38
N HIS D 120 -13.53 -4.49 14.85
CA HIS D 120 -13.07 -3.16 15.24
C HIS D 120 -12.06 -3.24 16.37
N SER D 121 -12.22 -4.19 17.28
CA SER D 121 -11.23 -4.39 18.33
C SER D 121 -9.88 -4.83 17.76
N ALA D 122 -9.91 -5.59 16.67
CA ALA D 122 -8.68 -6.05 16.02
C ALA D 122 -8.03 -4.98 15.14
N GLY D 123 -8.64 -3.79 15.04
CA GLY D 123 -8.07 -2.73 14.24
C GLY D 123 -8.31 -2.84 12.75
N VAL D 124 -9.39 -3.50 12.34
CA VAL D 124 -9.73 -3.63 10.93
C VAL D 124 -11.23 -3.39 10.75
N GLY D 125 -11.81 -2.62 11.66
CA GLY D 125 -13.25 -2.38 11.60
C GLY D 125 -13.69 -1.65 10.34
N ALA D 126 -12.81 -0.80 9.79
CA ALA D 126 -13.15 -0.08 8.57
C ALA D 126 -13.45 -1.04 7.43
N ILE D 127 -12.50 -1.93 7.12
CA ILE D 127 -12.71 -2.91 6.06
C ILE D 127 -13.90 -3.81 6.39
N PHE D 128 -14.01 -4.22 7.66
CA PHE D 128 -15.11 -5.09 8.06
C PHE D 128 -16.46 -4.45 7.74
N ASP D 129 -16.64 -3.17 8.09
CA ASP D 129 -17.89 -2.49 7.80
C ASP D 129 -18.14 -2.39 6.30
N ARG D 130 -17.09 -2.24 5.51
CA ARG D 130 -17.27 -2.17 4.05
C ARG D 130 -17.83 -3.48 3.51
N VAL D 131 -17.38 -4.61 4.05
CA VAL D 131 -17.95 -5.90 3.67
C VAL D 131 -19.45 -5.92 3.97
N LEU D 132 -19.83 -5.42 5.15
CA LEU D 132 -21.22 -5.52 5.57
C LEU D 132 -22.11 -4.58 4.75
N THR D 133 -21.72 -3.32 4.62
CA THR D 133 -22.59 -2.34 3.97
C THR D 133 -22.55 -2.46 2.45
N GLU D 134 -21.38 -2.70 1.87
CA GLU D 134 -21.24 -2.72 0.42
C GLU D 134 -21.51 -4.09 -0.19
N LEU D 135 -21.35 -5.18 0.57
CA LEU D 135 -21.56 -6.52 0.03
C LEU D 135 -22.68 -7.26 0.77
N VAL D 136 -22.47 -7.62 2.04
CA VAL D 136 -23.42 -8.51 2.72
C VAL D 136 -24.82 -7.89 2.70
N SER D 137 -24.95 -6.67 3.23
CA SER D 137 -26.27 -6.04 3.32
C SER D 137 -26.89 -5.86 1.94
N LYS D 138 -26.10 -5.45 0.95
CA LYS D 138 -26.62 -5.30 -0.39
C LYS D 138 -27.09 -6.64 -0.95
N MET D 139 -26.32 -7.70 -0.70
CA MET D 139 -26.78 -9.04 -1.07
C MET D 139 -28.09 -9.38 -0.38
N ARG D 140 -28.23 -8.98 0.89
CA ARG D 140 -29.45 -9.26 1.63
C ARG D 140 -30.63 -8.49 1.06
N ASP D 141 -30.46 -7.17 0.89
CA ASP D 141 -31.58 -6.33 0.47
C ASP D 141 -32.19 -6.80 -0.84
N MET D 142 -31.35 -7.21 -1.79
CA MET D 142 -31.84 -7.70 -3.08
C MET D 142 -32.05 -9.20 -3.11
N GLN D 143 -31.80 -9.89 -2.00
CA GLN D 143 -32.00 -11.33 -1.91
C GLN D 143 -31.27 -12.05 -3.04
N MET D 144 -29.99 -11.71 -3.21
CA MET D 144 -29.16 -12.37 -4.20
C MET D 144 -29.16 -13.87 -3.92
N ASP D 145 -29.57 -14.65 -4.92
CA ASP D 145 -29.62 -16.10 -4.77
C ASP D 145 -28.27 -16.72 -5.13
N LYS D 146 -28.19 -18.04 -4.95
CA LYS D 146 -26.93 -18.74 -5.18
C LYS D 146 -26.60 -18.81 -6.66
N THR D 147 -27.60 -18.77 -7.53
CA THR D 147 -27.34 -18.80 -8.97
C THR D 147 -26.69 -17.49 -9.42
N GLU D 148 -27.14 -16.36 -8.88
CA GLU D 148 -26.56 -15.07 -9.25
C GLU D 148 -25.14 -14.94 -8.70
N LEU D 149 -24.89 -15.48 -7.51
CA LEU D 149 -23.54 -15.49 -6.96
C LEU D 149 -22.59 -16.27 -7.86
N GLY D 150 -22.98 -17.48 -8.24
CA GLY D 150 -22.12 -18.29 -9.09
C GLY D 150 -21.77 -17.60 -10.38
N CYS D 151 -22.75 -16.94 -11.01
CA CYS D 151 -22.49 -16.21 -12.24
C CYS D 151 -21.49 -15.07 -11.99
N LEU D 152 -21.72 -14.29 -10.93
CA LEU D 152 -20.81 -13.19 -10.62
C LEU D 152 -19.40 -13.70 -10.34
N ARG D 153 -19.28 -14.78 -9.58
CA ARG D 153 -17.97 -15.34 -9.31
C ARG D 153 -17.29 -15.81 -10.59
N ALA D 154 -18.07 -16.38 -11.52
CA ALA D 154 -17.50 -16.82 -12.78
C ALA D 154 -17.07 -15.64 -13.65
N ILE D 155 -17.79 -14.51 -13.57
CA ILE D 155 -17.35 -13.31 -14.28
C ILE D 155 -16.02 -12.82 -13.70
N VAL D 156 -15.91 -12.80 -12.38
CA VAL D 156 -14.64 -12.40 -11.75
C VAL D 156 -13.53 -13.35 -12.16
N LEU D 157 -13.83 -14.65 -12.24
CA LEU D 157 -12.82 -15.62 -12.66
C LEU D 157 -12.30 -15.31 -14.06
N PHE D 158 -13.21 -15.22 -15.03
CA PHE D 158 -12.82 -14.91 -16.40
C PHE D 158 -12.42 -13.45 -16.52
N ASN D 159 -11.31 -13.08 -15.89
CA ASN D 159 -10.82 -11.71 -15.87
C ASN D 159 -9.87 -11.47 -17.04
N PRO D 160 -10.31 -10.79 -18.10
CA PRO D 160 -9.42 -10.58 -19.25
C PRO D 160 -8.27 -9.63 -18.97
N ASP D 161 -8.33 -8.88 -17.88
CA ASP D 161 -7.25 -7.95 -17.52
C ASP D 161 -6.10 -8.62 -16.79
N SER D 162 -6.22 -9.91 -16.48
CA SER D 162 -5.16 -10.62 -15.77
C SER D 162 -3.87 -10.58 -16.58
N LYS D 163 -2.77 -10.22 -15.92
CA LYS D 163 -1.50 -10.06 -16.60
C LYS D 163 -0.94 -11.42 -17.02
N GLY D 164 -0.43 -11.47 -18.25
CA GLY D 164 0.22 -12.67 -18.75
C GLY D 164 -0.68 -13.67 -19.43
N LEU D 165 -1.90 -13.28 -19.79
CA LEU D 165 -2.81 -14.20 -20.47
C LEU D 165 -2.34 -14.47 -21.90
N SER D 166 -2.50 -15.72 -22.33
CA SER D 166 -2.12 -16.08 -23.69
C SER D 166 -3.12 -15.55 -24.71
N ASN D 167 -4.40 -15.52 -24.36
N ASN D 167 -4.39 -15.48 -24.34
CA ASN D 167 -5.45 -15.04 -25.26
CA ASN D 167 -5.45 -15.05 -25.24
C ASN D 167 -6.48 -14.25 -24.45
C ASN D 167 -6.49 -14.26 -24.44
N PRO D 168 -6.22 -12.97 -24.22
CA PRO D 168 -7.19 -12.16 -23.45
C PRO D 168 -8.59 -12.14 -24.08
N ALA D 169 -8.67 -12.06 -25.41
CA ALA D 169 -9.97 -12.00 -26.07
C ALA D 169 -10.77 -13.27 -25.87
N GLU D 170 -10.10 -14.42 -25.76
CA GLU D 170 -10.80 -15.67 -25.50
C GLU D 170 -11.45 -15.65 -24.12
N VAL D 171 -10.77 -15.08 -23.12
CA VAL D 171 -11.34 -14.97 -21.79
C VAL D 171 -12.50 -13.99 -21.78
N GLU D 172 -12.32 -12.84 -22.42
CA GLU D 172 -13.41 -11.89 -22.58
C GLU D 172 -14.62 -12.56 -23.25
N ALA D 173 -14.37 -13.49 -24.17
CA ALA D 173 -15.48 -14.19 -24.82
C ALA D 173 -16.26 -15.05 -23.83
N LEU D 174 -15.56 -15.88 -23.07
CA LEU D 174 -16.23 -16.66 -22.03
C LEU D 174 -16.93 -15.75 -21.03
N ARG D 175 -16.37 -14.57 -20.78
CA ARG D 175 -17.00 -13.62 -19.87
C ARG D 175 -18.33 -13.13 -20.43
N GLU D 176 -18.38 -12.89 -21.74
CA GLU D 176 -19.63 -12.43 -22.35
C GLU D 176 -20.70 -13.51 -22.27
N LYS D 177 -20.34 -14.77 -22.51
CA LYS D 177 -21.32 -15.85 -22.43
C LYS D 177 -21.89 -16.00 -21.02
N VAL D 178 -21.11 -15.64 -19.99
CA VAL D 178 -21.59 -15.82 -18.63
C VAL D 178 -22.61 -14.76 -18.26
N TYR D 179 -22.28 -13.48 -18.47
CA TYR D 179 -23.19 -12.42 -18.03
C TYR D 179 -24.41 -12.30 -18.94
N ALA D 180 -24.28 -12.70 -20.21
CA ALA D 180 -25.48 -12.82 -21.04
C ALA D 180 -26.41 -13.87 -20.48
N SER D 181 -25.84 -14.96 -19.95
CA SER D 181 -26.64 -15.99 -19.30
C SER D 181 -27.24 -15.46 -17.99
N LEU D 182 -26.48 -14.66 -17.25
CA LEU D 182 -27.00 -14.08 -16.01
C LEU D 182 -28.15 -13.12 -16.29
N GLU D 183 -28.07 -12.36 -17.39
CA GLU D 183 -29.14 -11.43 -17.71
C GLU D 183 -30.44 -12.17 -17.97
N ALA D 184 -30.39 -13.23 -18.79
CA ALA D 184 -31.59 -14.03 -19.04
C ALA D 184 -32.20 -14.52 -17.74
N TYR D 185 -31.35 -15.03 -16.83
CA TYR D 185 -31.85 -15.51 -15.55
C TYR D 185 -32.59 -14.42 -14.79
N CYS D 186 -32.00 -13.21 -14.74
CA CYS D 186 -32.62 -12.12 -14.00
C CYS D 186 -33.93 -11.69 -14.64
N LYS D 187 -34.01 -11.70 -15.97
CA LYS D 187 -35.23 -11.30 -16.65
C LYS D 187 -36.39 -12.23 -16.30
N HIS D 188 -36.12 -13.54 -16.23
CA HIS D 188 -37.18 -14.51 -15.96
C HIS D 188 -37.54 -14.56 -14.48
N LYS D 189 -36.56 -14.54 -13.59
CA LYS D 189 -36.83 -14.71 -12.17
C LYS D 189 -37.35 -13.42 -11.53
N TYR D 190 -36.96 -12.26 -12.06
CA TYR D 190 -37.40 -10.97 -11.54
C TYR D 190 -37.70 -10.04 -12.71
N PRO D 191 -38.76 -10.33 -13.49
CA PRO D 191 -39.08 -9.44 -14.60
C PRO D 191 -39.43 -8.03 -14.15
N GLU D 192 -40.10 -7.89 -13.01
CA GLU D 192 -40.44 -6.57 -12.49
C GLU D 192 -39.22 -5.76 -12.07
N GLN D 193 -38.05 -6.38 -11.96
CA GLN D 193 -36.81 -5.68 -11.66
C GLN D 193 -35.97 -5.60 -12.93
N PRO D 194 -36.27 -4.67 -13.84
CA PRO D 194 -35.51 -4.62 -15.10
C PRO D 194 -34.06 -4.25 -14.93
N GLY D 195 -33.69 -3.59 -13.83
CA GLY D 195 -32.32 -3.21 -13.56
C GLY D 195 -31.57 -4.13 -12.64
N ARG D 196 -32.13 -5.29 -12.29
CA ARG D 196 -31.45 -6.21 -11.39
C ARG D 196 -30.11 -6.63 -11.96
N PHE D 197 -30.05 -6.91 -13.27
CA PHE D 197 -28.82 -7.38 -13.89
C PHE D 197 -27.68 -6.38 -13.69
N ALA D 198 -27.91 -5.12 -14.03
CA ALA D 198 -26.87 -4.11 -13.86
C ALA D 198 -26.53 -3.91 -12.39
N LYS D 199 -27.54 -3.96 -11.51
CA LYS D 199 -27.30 -3.81 -10.09
C LYS D 199 -26.28 -4.83 -9.60
N LEU D 200 -26.40 -6.08 -10.05
CA LEU D 200 -25.41 -7.10 -9.69
C LEU D 200 -24.03 -6.71 -10.17
N LEU D 201 -23.91 -6.38 -11.46
CA LEU D 201 -22.60 -6.04 -12.02
C LEU D 201 -21.96 -4.87 -11.30
N LEU D 202 -22.77 -3.96 -10.75
CA LEU D 202 -22.24 -2.78 -10.08
C LEU D 202 -21.84 -3.05 -8.63
N ARG D 203 -21.87 -4.31 -8.19
CA ARG D 203 -21.19 -4.70 -6.97
C ARG D 203 -19.76 -5.16 -7.21
N LEU D 204 -19.42 -5.47 -8.46
CA LEU D 204 -18.05 -5.89 -8.76
C LEU D 204 -17.03 -4.80 -8.47
N PRO D 205 -17.30 -3.51 -8.73
CA PRO D 205 -16.31 -2.48 -8.33
C PRO D 205 -16.06 -2.49 -6.83
N ALA D 206 -17.12 -2.51 -6.02
CA ALA D 206 -16.94 -2.57 -4.58
C ALA D 206 -16.14 -3.81 -4.18
N LEU D 207 -16.44 -4.96 -4.80
CA LEU D 207 -15.70 -6.17 -4.49
C LEU D 207 -14.23 -6.03 -4.87
N ARG D 208 -13.96 -5.31 -5.97
CA ARG D 208 -12.58 -5.09 -6.39
C ARG D 208 -11.81 -4.32 -5.33
N SER D 209 -12.36 -3.19 -4.87
CA SER D 209 -11.65 -2.36 -3.90
C SER D 209 -11.54 -3.07 -2.55
N ILE D 210 -12.61 -3.75 -2.12
CA ILE D 210 -12.55 -4.49 -0.86
C ILE D 210 -11.52 -5.60 -0.96
N GLY D 211 -11.36 -6.20 -2.13
CA GLY D 211 -10.34 -7.22 -2.31
C GLY D 211 -8.93 -6.65 -2.21
N LEU D 212 -8.73 -5.42 -2.67
CA LEU D 212 -7.40 -4.81 -2.57
C LEU D 212 -7.09 -4.40 -1.14
N LYS D 213 -8.07 -3.88 -0.41
CA LYS D 213 -7.83 -3.45 0.96
C LYS D 213 -7.59 -4.64 1.88
N CYS D 214 -8.18 -5.80 1.59
CA CYS D 214 -7.94 -6.98 2.40
C CYS D 214 -6.49 -7.43 2.31
N LEU D 215 -5.89 -7.37 1.11
CA LEU D 215 -4.52 -7.84 0.94
C LEU D 215 -3.52 -6.88 1.58
N GLU D 216 -3.71 -5.58 1.36
N GLU D 216 -3.68 -5.58 1.31
CA GLU D 216 -2.73 -4.61 1.89
CA GLU D 216 -2.77 -4.60 1.88
C GLU D 216 -2.84 -4.49 3.40
C GLU D 216 -2.85 -4.59 3.41
N HIS D 217 -4.06 -4.52 3.94
CA HIS D 217 -4.26 -4.46 5.39
C HIS D 217 -4.32 -5.84 6.03
N LEU D 218 -4.06 -6.91 5.27
CA LEU D 218 -4.02 -8.26 5.79
C LEU D 218 -5.27 -8.55 6.63
N PHE D 219 -6.43 -8.22 6.04
CA PHE D 219 -7.70 -8.38 6.75
C PHE D 219 -7.91 -9.81 7.22
N PHE D 220 -7.51 -10.79 6.41
CA PHE D 220 -7.73 -12.19 6.78
C PHE D 220 -7.02 -12.55 8.07
N PHE D 221 -5.72 -12.24 8.15
CA PHE D 221 -4.94 -12.63 9.32
C PHE D 221 -5.43 -11.90 10.57
N LYS D 222 -5.51 -10.57 10.51
CA LYS D 222 -5.87 -9.79 11.70
C LYS D 222 -7.27 -10.10 12.19
N LEU D 223 -8.12 -10.68 11.34
CA LEU D 223 -9.49 -10.98 11.74
C LEU D 223 -9.51 -11.95 12.92
N ILE D 224 -8.71 -13.00 12.84
CA ILE D 224 -8.79 -14.08 13.82
C ILE D 224 -7.44 -14.23 14.51
N GLY D 225 -6.37 -14.00 13.75
CA GLY D 225 -5.04 -14.37 14.20
C GLY D 225 -4.43 -13.55 15.31
N ASP D 226 -5.21 -12.65 15.92
CA ASP D 226 -4.67 -11.85 17.03
C ASP D 226 -4.45 -12.70 18.27
N THR D 227 -5.44 -13.53 18.63
CA THR D 227 -5.37 -14.33 19.85
C THR D 227 -4.65 -15.66 19.60
N PRO D 228 -4.97 -16.39 18.52
CA PRO D 228 -4.27 -17.66 18.29
C PRO D 228 -2.76 -17.49 18.18
N ILE D 229 -2.29 -16.42 17.54
CA ILE D 229 -0.85 -16.24 17.35
C ILE D 229 -0.16 -15.94 18.68
N ASP D 230 -0.84 -15.20 19.57
CA ASP D 230 -0.32 -15.02 20.91
C ASP D 230 -0.16 -16.37 21.61
N THR D 231 -1.22 -17.18 21.61
CA THR D 231 -1.12 -18.53 22.16
C THR D 231 -0.08 -19.34 21.40
N PHE D 232 -0.05 -19.20 20.08
CA PHE D 232 0.91 -19.96 19.27
C PHE D 232 2.34 -19.61 19.63
N LEU D 233 2.64 -18.32 19.84
CA LEU D 233 3.98 -17.91 20.23
C LEU D 233 4.25 -18.26 21.70
N MET D 234 3.26 -18.04 22.57
CA MET D 234 3.44 -18.39 23.98
C MET D 234 3.76 -19.86 24.14
N GLU D 235 3.14 -20.71 23.31
CA GLU D 235 3.46 -22.13 23.34
C GLU D 235 4.92 -22.38 22.98
N MET D 236 5.45 -21.61 22.02
CA MET D 236 6.86 -21.74 21.66
C MET D 236 7.77 -21.24 22.77
N LEU D 237 7.33 -20.24 23.53
CA LEU D 237 8.17 -19.66 24.57
C LEU D 237 8.25 -20.56 25.80
N GLU D 238 7.18 -21.28 26.11
N GLU D 238 7.18 -21.28 26.11
CA GLU D 238 7.17 -22.19 27.24
CA GLU D 238 7.17 -22.19 27.24
C GLU D 238 7.76 -23.56 26.90
C GLU D 238 7.90 -23.49 26.96
N ALA D 239 8.42 -23.68 25.75
CA ALA D 239 9.17 -24.88 25.41
C ALA D 239 10.45 -24.90 26.23
N PRO D 240 11.17 -26.02 26.26
CA PRO D 240 12.37 -26.08 27.11
C PRO D 240 13.43 -25.08 26.68
N HIS D 241 14.18 -24.58 27.67
CA HIS D 241 15.31 -23.70 27.42
C HIS D 241 16.59 -24.51 27.25
N GLN D 242 17.55 -23.90 26.57
CA GLN D 242 18.84 -24.55 26.33
C GLN D 242 18.66 -25.88 25.61
C11 7A4 E . 6.57 20.17 -0.41
C13 7A4 E . 5.81 18.01 -1.11
C16 7A4 E . 5.79 21.14 1.79
C15 7A4 E . 8.21 21.19 1.13
C14 7A4 E . 6.77 21.24 0.64
C19 7A4 E . 11.21 16.84 -4.66
C22 7A4 E . 7.88 14.06 -6.88
C23 7A4 E . 8.29 12.72 -6.30
C20 7A4 E . 10.38 15.97 -5.40
C01 7A4 E . 5.16 15.11 -5.44
C02 7A4 E . 6.55 15.61 -5.15
C03 7A4 E . 7.78 15.12 -5.82
C04 7A4 E . 9.02 15.98 -5.18
C05 7A4 E . 8.41 16.87 -4.21
C06 7A4 E . 6.96 16.59 -4.25
C07 7A4 E . 6.04 17.24 -3.49
C08 7A4 E . 6.23 18.27 -2.41
C09 7A4 E . 6.80 19.51 -2.70
C10 7A4 E . 6.99 20.45 -1.71
C12 7A4 E . 5.98 18.96 -0.12
C17 7A4 E . 9.25 17.72 -3.50
C18 7A4 E . 10.63 17.72 -3.72
O24 7A4 E . 8.88 12.67 -5.19
O25 7A4 E . 8.04 11.66 -6.94
F21 7A4 E . 12.53 16.84 -4.87
H1 7A4 E . 5.41 17.15 -0.90
H2 7A4 E . 5.82 20.24 2.19
H3 7A4 E . 6.02 21.80 2.48
H4 7A4 E . 4.88 21.32 1.47
H5 7A4 E . 8.81 21.26 0.35
H6 7A4 E . 8.38 21.94 1.73
H7 7A4 E . 8.37 20.34 1.59
H8 7A4 E . 6.64 22.10 0.22
H9 7A4 E . 7.01 13.97 -7.32
H10 7A4 E . 8.54 14.34 -7.54
H11 7A4 E . 10.77 15.37 -6.04
H12 7A4 E . 4.69 15.76 -6.00
H13 7A4 E . 5.21 14.25 -5.89
H14 7A4 E . 4.67 15.00 -4.59
H15 7A4 E . 5.11 17.00 -3.67
H16 7A4 E . 7.10 19.69 -3.61
H17 7A4 E . 7.38 21.32 -1.92
H18 7A4 E . 5.70 18.76 0.80
H19 7A4 E . 8.87 18.33 -2.84
H20 7A4 E . 11.20 18.32 -3.21
C11 7A4 F . -0.58 20.26 0.77
C13 7A4 F . 1.63 20.14 1.70
C16 7A4 F . -2.41 19.39 -0.71
C15 7A4 F . -2.29 21.82 -0.18
C14 7A4 F . -1.49 20.56 -0.41
C19 7A4 F . 4.15 24.25 4.58
C22 7A4 F . 5.07 20.72 7.84
C23 7A4 F . 6.46 21.26 7.63
C20 7A4 F . 4.52 23.35 5.60
C01 7A4 F . 3.28 18.29 6.56
C02 7A4 F . 3.41 19.68 5.99
C03 7A4 F . 4.23 20.79 6.58
C04 7A4 F . 4.04 22.07 5.59
C05 7A4 F . 3.13 21.61 4.55
C06 7A4 F . 2.82 20.22 4.85
C07 7A4 F . 2.01 19.42 4.10
C08 7A4 F . 1.11 19.74 2.92
C09 7A4 F . -0.27 19.58 3.05
C10 7A4 F . -1.10 19.84 1.98
C12 7A4 F . 0.79 20.41 0.64
C17 7A4 F . 2.79 22.51 3.55
C18 7A4 F . 3.29 23.81 3.55
O24 7A4 F . 7.01 21.95 8.55
O25 7A4 F . 7.08 21.04 6.56
F21 7A4 F . 4.63 25.50 4.58
H1 7A4 F . 2.60 20.24 1.60
H2 7A4 F . -3.03 19.64 -1.42
H3 7A4 F . -2.92 19.15 0.09
H4 7A4 F . -1.88 18.62 -0.99
H5 7A4 F . -2.91 21.69 0.57
H6 7A4 F . -2.79 22.03 -0.99
H7 7A4 F . -1.68 22.56 0.03
H8 7A4 F . -0.92 20.70 -1.18
H9 7A4 F . 4.62 21.23 8.54
H10 7A4 F . 5.14 19.78 8.12
H11 7A4 F . 5.12 23.65 6.32
H12 7A4 F . 3.83 17.68 6.04
H13 7A4 F . 2.34 18.01 6.51
H14 7A4 F . 3.56 18.29 7.50
H15 7A4 F . 2.00 18.49 4.37
H16 7A4 F . -0.64 19.29 3.91
H17 7A4 F . -2.07 19.73 2.08
H18 7A4 F . 1.17 20.71 -0.22
H19 7A4 F . 2.19 22.22 2.83
H20 7A4 F . 3.03 24.44 2.84
C11 7A4 G . -6.98 20.13 -4.70
C13 7A4 G . -8.61 18.44 -5.21
C16 7A4 G . -7.04 22.36 -5.85
C15 7A4 G . -5.42 22.00 -4.00
C14 7A4 G . -6.17 21.33 -5.14
C19 7A4 G . -5.22 13.80 -1.98
C22 7A4 G . -9.80 12.46 -0.95
C23 7A4 G . -9.78 11.22 -1.81
C20 7A4 G . -6.47 13.27 -1.60
C01 7A4 G . -11.46 14.96 -2.33
C02 7A4 G . -9.96 14.78 -2.30
C03 7A4 G . -9.22 13.65 -1.68
C04 7A4 G . -7.63 13.94 -1.93
C05 7A4 G . -7.58 15.18 -2.67
C06 7A4 G . -8.98 15.62 -2.85
C07 7A4 G . -9.35 16.74 -3.50
C08 7A4 G . -8.51 17.93 -3.92
C09 7A4 G . -7.66 18.54 -3.02
C10 7A4 G . -6.89 19.64 -3.41
C12 7A4 G . -7.86 19.54 -5.60
C17 7A4 G . -6.35 15.69 -3.03
C18 7A4 G . -5.17 15.01 -2.70
O24 7A4 G . -9.47 10.12 -1.30
O25 7A4 G . -10.08 11.30 -3.03
F21 7A4 G . -4.09 13.15 -1.66
H1 7A4 G . -9.22 18.02 -5.85
H2 7A4 G . -7.40 21.97 -6.66
H3 7A4 G . -7.78 22.62 -5.25
H4 7A4 G . -6.50 23.15 -6.06
H5 7A4 G . -4.84 22.70 -4.36
H6 7A4 G . -6.06 22.39 -3.37
H7 7A4 G . -4.86 21.33 -3.54
H8 7A4 G . -5.50 21.02 -5.78
H9 7A4 G . -9.27 12.30 -0.15
H10 7A4 G . -10.73 12.67 -0.70
H11 7A4 G . -6.51 12.43 -1.11
H12 7A4 G . -11.80 14.70 -3.21
H13 7A4 G . -11.68 15.89 -2.14
H14 7A4 G . -11.87 14.39 -1.65
H15 7A4 G . -10.31 16.90 -3.53
H16 7A4 G . -7.58 18.20 -2.11
H17 7A4 G . -6.28 20.06 -2.77
H18 7A4 G . -7.93 19.87 -6.50
H19 7A4 G . -6.30 16.53 -3.54
H20 7A4 G . -4.31 15.38 -2.96
C ACT H . 23.27 24.05 8.08
O ACT H . 22.54 25.06 7.83
OXT ACT H . 23.67 23.62 9.19
CH3 ACT H . 23.73 23.25 6.82
H1 ACT H . 22.96 22.91 6.35
H2 ACT H . 24.26 22.49 7.09
H3 ACT H . 24.26 23.81 6.21
C ACT I . 34.37 17.66 4.93
O ACT I . 34.39 18.56 4.06
OXT ACT I . 35.32 16.98 5.41
CH3 ACT I . 32.95 17.31 5.52
H1 ACT I . 32.29 17.88 5.11
H2 ACT I . 32.93 17.50 6.47
H3 ACT I . 32.72 16.38 5.36
S DMS J . 25.69 19.37 8.48
O DMS J . 25.06 20.05 9.65
C1 DMS J . 26.90 20.48 7.71
C2 DMS J . 26.82 18.07 9.06
H11 DMS J . 26.40 21.33 7.30
H12 DMS J . 27.42 19.97 6.94
H13 DMS J . 27.59 20.81 8.44
H21 DMS J . 26.27 17.31 9.55
H22 DMS J . 27.53 18.48 9.74
H23 DMS J . 27.32 17.65 8.23
C ACT K . 24.75 3.72 4.50
O ACT K . 24.31 3.04 3.53
OXT ACT K . 24.19 4.03 5.57
CH3 ACT K . 26.22 4.24 4.31
H1 ACT K . 26.48 4.75 5.09
H2 ACT K . 26.26 4.83 3.55
H3 ACT K . 26.85 3.51 4.19
C ACT L . -8.88 18.60 8.43
O ACT L . -9.03 19.57 7.62
OXT ACT L . -7.92 17.79 8.52
CH3 ACT L . -10.06 18.39 9.43
H1 ACT L . -10.16 19.19 9.98
H2 ACT L . -9.85 17.66 10.03
H3 ACT L . -10.89 18.21 8.97
C11 7A4 M . 2.16 -18.45 11.21
C13 7A4 M . 1.40 -16.24 11.77
C16 7A4 M . 2.82 -20.88 11.26
C15 7A4 M . 0.44 -20.28 10.92
C14 7A4 M . 1.88 -19.84 10.67
C19 7A4 M . 0.89 -11.97 8.56
C22 7A4 M . 1.89 -9.63 12.71
C23 7A4 M . 2.87 -8.72 11.99
C20 7A4 M . 1.12 -11.14 9.67
C01 7A4 M . 3.10 -12.10 14.50
C02 7A4 M . 2.58 -12.19 13.09
C03 7A4 M . 2.06 -11.06 12.28
C04 7A4 M . 1.66 -11.68 10.83
C05 7A4 M . 2.00 -13.08 10.90
C06 7A4 M . 2.55 -13.31 12.26
C07 7A4 M . 2.98 -14.51 12.72
C08 7A4 M . 2.68 -15.90 12.18
C09 7A4 M . 3.70 -16.83 12.12
C10 7A4 M . 3.43 -18.11 11.63
C12 7A4 M . 1.14 -17.51 11.27
C17 7A4 M . 1.77 -13.88 9.78
C18 7A4 M . 1.22 -13.34 8.62
O24 7A4 M . 4.05 -9.11 11.77
O25 7A4 M . 2.51 -7.58 11.61
F21 7A4 M . 0.37 -11.44 7.44
H1 7A4 M . 0.68 -15.58 11.81
H2 7A4 M . 3.74 -20.69 10.98
H3 7A4 M . 2.77 -20.86 12.23
H4 7A4 M . 2.56 -21.77 10.94
H5 7A4 M . 0.29 -21.15 10.48
H6 7A4 M . 0.30 -20.37 11.88
H7 7A4 M . -0.16 -19.61 10.55
H8 7A4 M . 2.03 -19.83 9.71
H9 7A4 M . 0.98 -9.33 12.52
H10 7A4 M . 2.05 -9.55 13.68
H11 7A4 M . 0.90 -10.20 9.63
H12 7A4 M . 4.08 -12.10 14.49
H13 7A4 M . 2.78 -12.88 15.01
H14 7A4 M . 2.77 -11.28 14.92
H15 7A4 M . 3.33 -14.49 13.62
H16 7A4 M . 4.60 -16.59 12.41
H17 7A4 M . 4.16 -18.77 11.58
H18 7A4 M . 0.24 -17.75 10.99
H19 7A4 M . 1.99 -14.84 9.82
H20 7A4 M . 1.06 -13.91 7.84
C1 GOL N . 1.92 -18.33 6.86
O1 GOL N . 0.83 -18.22 6.01
C2 GOL N . 2.92 -17.24 6.42
O2 GOL N . 3.81 -17.71 5.47
C3 GOL N . 2.05 -16.07 5.88
O3 GOL N . 2.89 -14.98 5.76
H11 GOL N . 1.70 -18.22 7.78
H12 GOL N . 2.34 -19.21 6.78
HO1 GOL N . 0.86 -18.88 5.48
H2 GOL N . 3.46 -16.96 7.18
HO2 GOL N . 3.44 -17.63 4.71
H31 GOL N . 1.63 -16.34 5.05
H32 GOL N . 1.32 -15.90 6.50
HO3 GOL N . 2.51 -14.44 5.22
C ACT O . 20.44 -20.62 26.92
O ACT O . 20.70 -19.39 27.10
OXT ACT O . 21.23 -21.56 26.64
CH3 ACT O . 18.95 -21.03 27.05
H1 ACT O . 18.64 -21.40 26.21
H2 ACT O . 18.86 -21.73 27.72
H3 ACT O . 18.38 -20.28 27.30
C ACT P . 14.66 -18.15 6.09
O ACT P . 15.41 -18.19 5.07
OXT ACT P . 13.60 -18.81 6.31
CH3 ACT P . 15.10 -17.15 7.20
H1 ACT P . 15.98 -17.41 7.53
H2 ACT P . 14.49 -17.20 7.96
H3 ACT P . 15.14 -16.24 6.87
C1 GOL Q . -2.50 18.06 -5.16
O1 GOL Q . -3.34 18.40 -4.12
C2 GOL Q . -3.11 16.79 -5.81
O2 GOL Q . -2.79 16.69 -7.15
C3 GOL Q . -2.54 15.60 -4.98
O3 GOL Q . -3.20 14.45 -5.41
H11 GOL Q . -2.43 18.76 -5.84
H12 GOL Q . -1.60 17.87 -4.86
HO1 GOL Q . -3.49 19.23 -4.18
H2 GOL Q . -4.07 16.82 -5.76
HO2 GOL Q . -2.72 15.87 -7.34
H31 GOL Q . -1.58 15.57 -5.07
H32 GOL Q . -2.70 15.77 -4.03
HO3 GOL Q . -2.71 13.79 -5.18
C11 7A4 R . -6.48 -20.44 -0.10
C13 7A4 R . -5.43 -18.72 -1.40
C16 7A4 R . -8.10 -20.56 1.80
C15 7A4 R . -8.88 -21.00 -0.53
C14 7A4 R . -7.73 -21.11 0.44
C19 7A4 R . -4.09 -19.72 -6.63
C22 7A4 R . -0.33 -16.81 -5.51
C23 7A4 R . -0.66 -15.35 -5.67
C20 7A4 R . -2.98 -18.86 -6.49
C01 7A4 R . -0.56 -16.82 -2.24
C02 7A4 R . -1.47 -17.54 -3.20
C03 7A4 R . -1.35 -17.54 -4.68
C04 7A4 R . -2.57 -18.49 -5.22
C05 7A4 R . -3.26 -18.95 -4.05
C06 7A4 R . -2.55 -18.36 -2.90
C07 7A4 R . -2.93 -18.57 -1.61
C08 7A4 R . -4.18 -19.23 -1.08
C09 7A4 R . -4.09 -20.34 -0.25
C10 7A4 R . -5.24 -20.94 0.23
C12 7A4 R . -6.58 -19.33 -0.92
C17 7A4 R . -4.35 -19.79 -4.20
C18 7A4 R . -4.77 -20.17 -5.49
O24 7A4 R . 0.23 -14.53 -6.00
O25 7A4 R . -1.84 -14.94 -5.47
F21 7A4 R . -4.49 -20.08 -7.86
H1 7A4 R . -5.50 -17.94 -1.99
H2 7A4 R . -8.20 -19.58 1.74
H3 7A4 R . -7.39 -20.78 2.44
H4 7A4 R . -8.94 -20.96 2.10
H5 7A4 R . -9.64 -21.53 -0.19
H6 7A4 R . -9.15 -20.07 -0.63
H7 7A4 R . -8.62 -21.35 -1.40
H8 7A4 R . -7.53 -22.06 0.55
H9 7A4 R . 0.55 -16.90 -5.10
H10 7A4 R . -0.31 -17.22 -6.41
H11 7A4 R . -2.51 -18.55 -7.27
H12 7A4 R . 0.07 -17.46 -1.84
H13 7A4 R . -1.10 -16.40 -1.54
H14 7A4 R . -0.07 -16.12 -2.73
H15 7A4 R . -2.41 -18.07 -0.95
H16 7A4 R . -3.20 -20.70 -0.02
H17 7A4 R . -5.16 -21.73 0.81
H18 7A4 R . -7.45 -18.97 -1.16
H19 7A4 R . -4.84 -20.11 -3.42
H20 7A4 R . -5.55 -20.77 -5.58
C11 7A4 S . -4.82 -17.50 7.26
C13 7A4 S . -6.44 -17.65 5.50
C16 7A4 S . -2.72 -16.56 8.26
C15 7A4 S . -3.48 -18.85 8.90
C14 7A4 S . -3.44 -17.81 7.79
C19 7A4 S . -10.58 -21.54 5.22
C22 7A4 S . -13.50 -17.65 4.70
C23 7A4 S . -13.90 -18.28 3.39
C20 7A4 S . -11.55 -20.54 5.05
C01 7A4 S . -11.34 -15.26 5.23
C02 7A4 S . -11.04 -16.73 5.26
C03 7A4 S . -12.03 -17.82 5.02
C04 7A4 S . -11.20 -19.21 5.16
C05 7A4 S . -9.84 -18.83 5.46
C06 7A4 S . -9.83 -17.36 5.49
C07 7A4 S . -8.73 -16.60 5.74
C08 7A4 S . -7.35 -16.95 6.26
C09 7A4 S . -6.98 -16.50 7.53
C10 7A4 S . -5.72 -16.78 8.02
C12 7A4 S . -5.17 -17.94 5.99
C17 7A4 S . -8.89 -19.83 5.62
C18 7A4 S . -9.24 -21.18 5.52
O24 7A4 S . -13.03 -18.42 2.48
O25 7A4 S . -15.09 -18.66 3.21
F21 7A4 S . -10.93 -22.83 5.12
H1 7A4 S . -6.69 -17.96 4.60
H2 7A4 S . -1.86 -16.81 8.66
H3 7A4 S . -2.57 -15.97 7.50
H4 7A4 S . -3.27 -16.10 8.92
H5 7A4 S . -3.95 -18.48 9.67
H6 7A4 S . -3.95 -19.65 8.57
H7 7A4 S . -2.57 -19.09 9.16
H8 7A4 S . -2.92 -18.19 7.06
H9 7A4 S . -14.03 -18.06 5.43
H10 7A4 S . -13.71 -16.69 4.67
H11 7A4 S . -12.48 -20.80 4.85
H12 7A4 S . -11.02 -14.87 4.37
H13 7A4 S . -12.31 -15.11 5.31
H14 7A4 S . -10.88 -14.81 5.98
H15 7A4 S . -8.86 -15.65 5.57
H16 7A4 S . -7.62 -15.99 8.07
H17 7A4 S . -5.46 -16.48 8.92
H18 7A4 S . -4.54 -18.45 5.45
H19 7A4 S . -7.96 -19.58 5.82
H20 7A4 S . -8.57 -21.87 5.64
C ACT T . -35.56 -8.52 -3.96
O ACT T . -35.13 -7.97 -5.01
OXT ACT T . -35.45 -8.13 -2.77
CH3 ACT T . -36.34 -9.86 -4.19
H1 ACT T . -36.62 -10.22 -3.33
H2 ACT T . -35.75 -10.52 -4.59
H3 ACT T . -37.12 -9.73 -4.75
#